data_7SFF
#
_entry.id   7SFF
#
_cell.length_a   161.720
_cell.length_b   78.237
_cell.length_c   117.061
_cell.angle_alpha   90.000
_cell.angle_beta   125.928
_cell.angle_gamma   90.000
#
_symmetry.space_group_name_H-M   'C 1 2 1'
#
loop_
_entity.id
_entity.type
_entity.pdbx_description
1 polymer 'DNA (cytosine-5)-methyltransferase 1'
2 polymer 'DNA (12-MER)'
3 polymer 'DNA (12-MER)'
4 non-polymer 'ZINC ION'
5 non-polymer 1,2-ETHANEDIOL
6 non-polymer GLYCEROL
7 non-polymer (2R)-2-{[6-(4-aminopiperidin-1-yl)-3,5-dicyano-4-ethylpyridin-2-yl]sulfanyl}-2-[4-(trifluoromethyl)phenyl]acetamide
8 water water
#
loop_
_entity_poly.entity_id
_entity_poly.type
_entity_poly.pdbx_seq_one_letter_code
_entity_poly.pdbx_strand_id
1 'polypeptide(L)'
;HMNRISWVGEAVKTDGKKSYYKKVCIDAETLEVGDCVSVIPDDSSKPLYLARVTALWEDSSNGQMFHAHWFCAGTDTVLG
ATSDPLELFLVDECEDMQLSYIHSKVKVIYKAPSENWAMEGGMDPESLLEGDDGKTYFYQLWYDQDYARFESPPKTQPTE
DNKFKFCVSCARLAEMRQKEIPRVLEQLEDLDSRVLYYSATKNGILYRVGDGVYLPPEAFTFNIKLSSPVKRPRKEPVDE
DLYPEHYRKYSDYIKGSNLDAPEPYRIGRIKEIFCPKKSNGRPNETDIKIRVNKFYRPENTHKSTPASYHADINLLYWSD
EEAVVDFKAVQGRCTVEYGEDLPECVQVYSMGGPNRFYFLEAYNAKSKSFEDPPNHARSPGNKGKGKGKGKGKPKSQACE
PSEPEIEIKLPKLRTLDVFSGCGGLSEGFHQAGISDTLWAIEMWDPAAQAFRLNNPGSTVFTEDCNILLKLVMAGETTNS
RGQRLPQKGDVEMLCGGPPCQGFSGMNRFNSRTYSKFKNSLVVSFLSYCDYYRPRFFLLENVRNFVSFKRSMVLKLTLRC
LVRMGYQCTFGVLQAGQYGVAQTRRRAIILAAAPGEKLPLFPEPLHVFAPRACQLSVVVDDKKFVSNITRLSSGPFRTIT
VRDTMSDLPEVRNGASALEISYNGEPQSWFQRQLRGAQYQPILRDHICKDMSALVAARMRHIPLAPGSDWRDLPNIEVRL
SDGTMARKLRYTHHDRKNGRSSSGALRGVCSCVEAGKACDPAARQFNTLIPWCLPHTGNRHNHWAGLYGRLEWDGFFSTT
VTNPEPMGKQGRVLHPEQHRVVSVRECARSQGFPDTYRLFGNILDKHRQVGNAVPPPLAKAIGLEIKLCMLAKA
;
A
2 'polydeoxyribonucleotide' (DG)(DA)(DG)(DG)(DC)(5CM)(DG)(DC)(DC)(DT)(DG)(DC) C
3 'polydeoxyribonucleotide' (DG)(DC)(DA)(DG)(DG)(PYO)(DG)(DG)(DC)(DC)(DT)(DC) D
#
loop_
_chem_comp.id
_chem_comp.type
_chem_comp.name
_chem_comp.formula
5CM DNA linking 5-METHYL-2'-DEOXY-CYTIDINE-5'-MONOPHOSPHATE 'C10 H16 N3 O7 P'
C79 non-polymer (2R)-2-{[6-(4-aminopiperidin-1-yl)-3,5-dicyano-4-ethylpyridin-2-yl]sulfanyl}-2-[4-(trifluoromethyl)phenyl]acetamide 'C23 H23 F3 N6 O S'
DA DNA linking 2'-DEOXYADENOSINE-5'-MONOPHOSPHATE 'C10 H14 N5 O6 P'
DC DNA linking 2'-DEOXYCYTIDINE-5'-MONOPHOSPHATE 'C9 H14 N3 O7 P'
DG DNA linking 2'-DEOXYGUANOSINE-5'-MONOPHOSPHATE 'C10 H14 N5 O7 P'
DT DNA linking THYMIDINE-5'-MONOPHOSPHATE 'C10 H15 N2 O8 P'
EDO non-polymer 1,2-ETHANEDIOL 'C2 H6 O2'
GOL non-polymer GLYCEROL 'C3 H8 O3'
PYO RNA linking 1-(BETA-D-RIBOFURANOSYL)-PYRIMIDIN-2-ONE-5'-PHOSPHATE 'C9 H13 N2 O8 P'
ZN non-polymer 'ZINC ION' 'Zn 2'
#
# COMPACT_ATOMS: atom_id res chain seq x y z
N ARG A 4 20.25 24.50 -48.86
CA ARG A 4 20.87 24.04 -47.62
C ARG A 4 19.91 23.10 -46.88
N ILE A 5 18.65 23.53 -46.76
CA ILE A 5 17.56 22.69 -46.29
C ILE A 5 16.47 22.75 -47.35
N SER A 6 16.17 21.60 -47.97
CA SER A 6 15.24 21.58 -49.09
C SER A 6 14.46 20.28 -49.10
N TRP A 7 13.17 20.39 -49.41
CA TRP A 7 12.30 19.21 -49.47
C TRP A 7 12.68 18.31 -50.65
N VAL A 8 12.51 17.02 -50.44
CA VAL A 8 12.81 16.01 -51.47
C VAL A 8 11.48 15.61 -52.09
N GLY A 9 11.11 16.28 -53.18
CA GLY A 9 9.92 15.98 -53.91
C GLY A 9 8.87 17.07 -53.78
N GLU A 10 7.62 16.66 -53.94
CA GLU A 10 6.45 17.54 -53.85
C GLU A 10 5.67 17.21 -52.59
N ALA A 11 4.68 18.05 -52.31
CA ALA A 11 3.89 17.91 -51.10
C ALA A 11 2.98 16.68 -51.18
N VAL A 12 2.57 16.21 -50.01
CA VAL A 12 1.67 15.06 -49.91
C VAL A 12 0.33 15.42 -49.28
N LYS A 13 0.19 16.61 -48.69
CA LYS A 13 -1.08 17.05 -48.11
C LYS A 13 -1.01 18.54 -47.79
N THR A 14 -2.03 19.29 -48.21
CA THR A 14 -2.14 20.72 -47.92
C THR A 14 -3.28 20.89 -46.92
N ASP A 15 -2.92 20.84 -45.63
CA ASP A 15 -3.90 20.97 -44.55
C ASP A 15 -3.86 22.41 -44.04
N GLY A 16 -4.47 23.30 -44.81
CA GLY A 16 -4.52 24.70 -44.43
C GLY A 16 -3.23 25.45 -44.68
N LYS A 17 -2.51 25.77 -43.60
CA LYS A 17 -1.25 26.49 -43.68
C LYS A 17 -0.05 25.57 -43.57
N LYS A 18 -0.26 24.25 -43.56
CA LYS A 18 0.81 23.27 -43.49
C LYS A 18 0.89 22.48 -44.78
N SER A 19 2.11 22.25 -45.25
CA SER A 19 2.37 21.46 -46.45
C SER A 19 3.28 20.31 -46.06
N TYR A 20 2.73 19.10 -46.00
CA TYR A 20 3.49 17.95 -45.53
C TYR A 20 4.37 17.37 -46.64
N TYR A 21 5.53 16.86 -46.23
CA TYR A 21 6.46 16.17 -47.11
C TYR A 21 6.90 14.86 -46.46
N LYS A 22 7.45 13.97 -47.29
CA LYS A 22 7.91 12.67 -46.80
C LYS A 22 9.42 12.60 -46.62
N LYS A 23 10.19 13.47 -47.26
CA LYS A 23 11.63 13.43 -47.15
C LYS A 23 12.18 14.85 -47.23
N VAL A 24 13.29 15.09 -46.53
CA VAL A 24 13.96 16.38 -46.52
C VAL A 24 15.47 16.16 -46.52
N CYS A 25 16.19 17.05 -47.18
CA CYS A 25 17.64 16.99 -47.25
C CYS A 25 18.22 18.17 -46.47
N ILE A 26 19.07 17.86 -45.50
CA ILE A 26 19.76 18.87 -44.69
C ILE A 26 21.25 18.63 -44.87
N ASP A 27 21.94 19.61 -45.49
CA ASP A 27 23.36 19.52 -45.77
C ASP A 27 23.68 18.28 -46.59
N ALA A 28 24.36 17.30 -45.98
CA ALA A 28 24.76 16.08 -46.66
C ALA A 28 23.91 14.89 -46.28
N GLU A 29 22.84 15.08 -45.52
CA GLU A 29 22.00 14.00 -45.06
C GLU A 29 20.58 14.15 -45.59
N THR A 30 19.87 13.03 -45.66
CA THR A 30 18.46 13.01 -46.02
C THR A 30 17.68 12.40 -44.87
N LEU A 31 16.56 13.03 -44.51
CA LEU A 31 15.72 12.59 -43.41
C LEU A 31 14.34 12.21 -43.94
N GLU A 32 13.83 11.09 -43.42
CA GLU A 32 12.49 10.62 -43.77
C GLU A 32 11.73 10.32 -42.49
N VAL A 33 10.41 10.28 -42.61
CA VAL A 33 9.58 9.93 -41.46
C VAL A 33 9.98 8.55 -40.94
N GLY A 34 10.16 8.46 -39.62
CA GLY A 34 10.62 7.25 -38.98
C GLY A 34 12.07 7.29 -38.54
N ASP A 35 12.87 8.19 -39.09
CA ASP A 35 14.26 8.31 -38.70
C ASP A 35 14.38 8.92 -37.29
N CYS A 36 15.51 8.67 -36.66
CA CYS A 36 15.82 9.21 -35.34
C CYS A 36 16.89 10.28 -35.46
N VAL A 37 16.76 11.35 -34.68
CA VAL A 37 17.64 12.51 -34.79
C VAL A 37 17.99 13.01 -33.39
N SER A 38 19.06 13.81 -33.32
CA SER A 38 19.47 14.46 -32.09
C SER A 38 19.21 15.96 -32.18
N VAL A 39 18.93 16.56 -31.02
CA VAL A 39 18.71 18.00 -30.89
C VAL A 39 19.53 18.51 -29.72
N ILE A 40 20.31 19.56 -29.95
CA ILE A 40 21.08 20.17 -28.86
C ILE A 40 20.13 20.99 -27.99
N PRO A 41 20.19 20.86 -26.67
CA PRO A 41 19.40 21.75 -25.80
C PRO A 41 20.01 23.14 -25.76
N ASP A 42 19.25 24.08 -25.20
CA ASP A 42 19.75 25.44 -25.03
C ASP A 42 20.92 25.49 -24.06
N ASP A 43 20.98 24.53 -23.13
CA ASP A 43 22.13 24.39 -22.24
C ASP A 43 23.11 23.42 -22.89
N SER A 44 24.24 23.96 -23.38
CA SER A 44 25.20 23.13 -24.10
C SER A 44 25.83 22.06 -23.22
N SER A 45 25.86 22.26 -21.90
CA SER A 45 26.42 21.26 -21.01
C SER A 45 25.53 20.02 -20.93
N LYS A 46 24.22 20.18 -21.13
CA LYS A 46 23.32 19.05 -21.08
C LYS A 46 23.54 18.12 -22.27
N PRO A 47 23.33 16.82 -22.11
CA PRO A 47 23.48 15.90 -23.23
C PRO A 47 22.42 16.13 -24.29
N LEU A 48 22.59 15.45 -25.43
CA LEU A 48 21.71 15.63 -26.56
C LEU A 48 20.31 15.12 -26.26
N TYR A 49 19.31 15.81 -26.82
CA TYR A 49 17.97 15.26 -26.89
C TYR A 49 17.88 14.33 -28.10
N LEU A 50 17.14 13.23 -27.94
CA LEU A 50 16.96 12.25 -28.99
C LEU A 50 15.47 12.04 -29.25
N ALA A 51 15.11 11.92 -30.53
CA ALA A 51 13.71 11.79 -30.89
C ALA A 51 13.57 11.07 -32.21
N ARG A 52 12.37 10.54 -32.44
CA ARG A 52 11.99 9.99 -33.73
C ARG A 52 11.19 11.03 -34.49
N VAL A 53 11.44 11.14 -35.79
CA VAL A 53 10.70 12.05 -36.65
C VAL A 53 9.42 11.37 -37.10
N THR A 54 8.27 11.98 -36.80
CA THR A 54 6.99 11.42 -37.18
C THR A 54 6.28 12.20 -38.27
N ALA A 55 6.74 13.40 -38.60
CA ALA A 55 6.09 14.21 -39.62
C ALA A 55 7.04 15.31 -40.08
N LEU A 56 6.88 15.73 -41.33
CA LEU A 56 7.69 16.78 -41.93
C LEU A 56 6.79 17.69 -42.74
N TRP A 57 6.82 19.00 -42.45
CA TRP A 57 5.94 19.90 -43.18
C TRP A 57 6.53 21.30 -43.21
N GLU A 58 6.00 22.10 -44.14
CA GLU A 58 6.31 23.51 -44.26
C GLU A 58 5.13 24.31 -43.75
N ASP A 59 5.41 25.31 -42.92
CA ASP A 59 4.40 26.22 -42.40
C ASP A 59 4.48 27.54 -43.14
N SER A 60 3.31 28.07 -43.53
CA SER A 60 3.27 29.27 -44.36
C SER A 60 3.86 30.49 -43.67
N SER A 61 4.00 30.46 -42.35
CA SER A 61 4.56 31.58 -41.60
C SER A 61 5.88 31.25 -40.93
N ASN A 62 5.97 30.09 -40.28
CA ASN A 62 7.13 29.76 -39.44
C ASN A 62 8.23 29.03 -40.19
N GLY A 63 7.92 28.37 -41.30
CA GLY A 63 8.95 27.71 -42.09
C GLY A 63 8.96 26.19 -41.97
N GLN A 64 10.13 25.58 -42.17
CA GLN A 64 10.21 24.12 -42.17
C GLN A 64 10.08 23.57 -40.75
N MET A 65 9.25 22.55 -40.60
CA MET A 65 8.91 22.00 -39.29
C MET A 65 8.99 20.48 -39.33
N PHE A 66 9.06 19.89 -38.13
CA PHE A 66 8.94 18.45 -37.98
C PHE A 66 8.36 18.18 -36.59
N HIS A 67 7.83 16.96 -36.42
CA HIS A 67 7.26 16.53 -35.16
C HIS A 67 8.22 15.55 -34.51
N ALA A 68 8.64 15.85 -33.29
CA ALA A 68 9.63 15.06 -32.58
C ALA A 68 8.94 14.25 -31.49
N HIS A 69 9.06 12.93 -31.57
CA HIS A 69 8.63 12.04 -30.49
C HIS A 69 9.85 11.75 -29.64
N TRP A 70 9.92 12.41 -28.49
CA TRP A 70 11.13 12.35 -27.66
C TRP A 70 11.32 10.97 -27.05
N PHE A 71 12.56 10.52 -27.03
CA PHE A 71 12.99 9.44 -26.16
C PHE A 71 13.34 10.00 -24.78
N CYS A 72 13.34 9.12 -23.78
CA CYS A 72 13.80 9.47 -22.44
C CYS A 72 15.11 8.74 -22.17
N ALA A 73 16.16 9.50 -21.87
CA ALA A 73 17.42 8.91 -21.47
C ALA A 73 17.29 8.20 -20.12
N GLY A 74 18.06 7.13 -19.94
CA GLY A 74 17.96 6.35 -18.72
C GLY A 74 18.22 7.17 -17.48
N THR A 75 19.16 8.12 -17.55
CA THR A 75 19.49 8.94 -16.39
C THR A 75 18.32 9.81 -15.97
N ASP A 76 17.43 10.15 -16.90
CA ASP A 76 16.27 10.94 -16.56
C ASP A 76 15.17 10.14 -15.87
N THR A 77 15.28 8.81 -15.85
CA THR A 77 14.32 7.96 -15.13
C THR A 77 14.77 7.80 -13.68
N VAL A 78 13.98 7.05 -12.92
CA VAL A 78 14.31 6.81 -11.51
C VAL A 78 15.66 6.12 -11.39
N LEU A 79 16.07 5.38 -12.41
CA LEU A 79 17.36 4.70 -12.38
C LEU A 79 18.52 5.66 -12.16
N GLY A 80 18.40 6.89 -12.64
CA GLY A 80 19.48 7.85 -12.49
C GLY A 80 20.75 7.36 -13.15
N ALA A 81 21.88 7.55 -12.44
CA ALA A 81 23.18 7.20 -12.99
C ALA A 81 23.47 5.70 -13.00
N THR A 82 22.61 4.87 -12.40
CA THR A 82 22.79 3.43 -12.50
C THR A 82 22.42 2.90 -13.88
N SER A 83 21.78 3.72 -14.71
CA SER A 83 21.25 3.27 -15.99
C SER A 83 22.38 2.92 -16.95
N ASP A 84 22.07 2.01 -17.86
CA ASP A 84 22.94 1.78 -19.01
C ASP A 84 23.08 3.10 -19.77
N PRO A 85 24.29 3.57 -20.02
CA PRO A 85 24.46 4.92 -20.60
C PRO A 85 23.85 5.08 -21.99
N LEU A 86 23.60 3.99 -22.71
CA LEU A 86 23.05 4.06 -24.05
C LEU A 86 21.61 3.57 -24.12
N GLU A 87 20.99 3.27 -22.99
CA GLU A 87 19.61 2.81 -22.98
C GLU A 87 18.67 4.01 -23.00
N LEU A 88 17.69 3.98 -23.89
CA LEU A 88 16.63 4.95 -23.96
C LEU A 88 15.31 4.28 -23.59
N PHE A 89 14.32 5.10 -23.22
CA PHE A 89 13.00 4.61 -22.88
C PHE A 89 11.95 5.41 -23.63
N LEU A 90 10.94 4.70 -24.15
CA LEU A 90 9.83 5.38 -24.78
C LEU A 90 9.00 6.12 -23.75
N VAL A 91 8.57 7.34 -24.11
CA VAL A 91 7.68 8.15 -23.27
C VAL A 91 6.66 8.84 -24.16
N ASP A 92 5.55 9.23 -23.55
CA ASP A 92 4.49 9.98 -24.24
C ASP A 92 4.78 11.47 -24.14
N GLU A 93 5.88 11.87 -24.78
CA GLU A 93 6.29 13.27 -24.85
C GLU A 93 6.69 13.61 -26.28
N CYS A 94 6.10 14.67 -26.82
CA CYS A 94 6.33 15.04 -28.21
C CYS A 94 5.93 16.50 -28.41
N GLU A 95 6.46 17.10 -29.48
CA GLU A 95 6.14 18.49 -29.79
C GLU A 95 6.54 18.80 -31.22
N ASP A 96 5.87 19.80 -31.81
CA ASP A 96 6.29 20.35 -33.08
C ASP A 96 7.59 21.14 -32.90
N MET A 97 8.45 21.09 -33.92
CA MET A 97 9.76 21.73 -33.83
C MET A 97 10.23 22.15 -35.21
N GLN A 98 10.94 23.28 -35.28
CA GLN A 98 11.54 23.71 -36.52
C GLN A 98 12.69 22.79 -36.91
N LEU A 99 12.85 22.56 -38.22
CA LEU A 99 13.89 21.66 -38.72
C LEU A 99 15.30 22.16 -38.41
N SER A 100 15.46 23.46 -38.17
CA SER A 100 16.80 24.00 -37.91
C SER A 100 17.35 23.57 -36.56
N TYR A 101 16.49 23.07 -35.66
CA TYR A 101 16.97 22.55 -34.38
C TYR A 101 17.62 21.17 -34.50
N ILE A 102 17.46 20.49 -35.63
CA ILE A 102 17.99 19.14 -35.75
C ILE A 102 19.50 19.19 -35.86
N HIS A 103 20.18 18.39 -35.04
CA HIS A 103 21.63 18.37 -35.02
C HIS A 103 22.21 17.30 -35.94
N SER A 104 21.71 16.07 -35.85
CA SER A 104 22.24 14.98 -36.66
C SER A 104 21.24 13.83 -36.64
N LYS A 105 21.47 12.86 -37.53
CA LYS A 105 20.74 11.61 -37.52
C LYS A 105 21.47 10.60 -36.65
N VAL A 106 20.71 9.83 -35.87
CA VAL A 106 21.26 8.82 -34.98
C VAL A 106 20.55 7.49 -35.27
N LYS A 107 21.24 6.41 -34.93
CA LYS A 107 20.69 5.06 -35.03
C LYS A 107 20.21 4.63 -33.65
N VAL A 108 18.94 4.23 -33.56
CA VAL A 108 18.34 3.73 -32.33
C VAL A 108 17.64 2.42 -32.65
N ILE A 109 18.12 1.32 -32.06
CA ILE A 109 17.57 0.00 -32.36
C ILE A 109 16.65 -0.43 -31.22
N TYR A 110 15.68 -1.27 -31.55
CA TYR A 110 14.75 -1.82 -30.56
C TYR A 110 15.24 -3.21 -30.18
N LYS A 111 15.70 -3.35 -28.94
CA LYS A 111 16.18 -4.63 -28.41
C LYS A 111 14.99 -5.38 -27.84
N ALA A 112 14.36 -6.20 -28.68
CA ALA A 112 13.21 -6.98 -28.24
C ALA A 112 13.67 -8.27 -27.56
N PRO A 113 13.00 -8.69 -26.49
CA PRO A 113 13.31 -9.99 -25.89
C PRO A 113 13.04 -11.13 -26.86
N SER A 114 13.87 -12.16 -26.80
CA SER A 114 13.74 -13.28 -27.70
C SER A 114 12.56 -14.16 -27.28
N GLU A 115 12.19 -15.08 -28.18
CA GLU A 115 11.14 -16.05 -27.85
C GLU A 115 11.61 -17.04 -26.79
N ASN A 116 12.92 -17.19 -26.60
CA ASN A 116 13.49 -18.06 -25.58
C ASN A 116 13.98 -17.27 -24.37
N TRP A 117 13.36 -16.11 -24.11
CA TRP A 117 13.82 -15.21 -23.06
C TRP A 117 13.81 -15.87 -21.68
N ALA A 118 12.86 -16.77 -21.43
CA ALA A 118 12.75 -17.39 -20.11
C ALA A 118 13.93 -18.30 -19.78
N MET A 119 14.69 -18.73 -20.78
CA MET A 119 15.81 -19.63 -20.57
C MET A 119 17.17 -18.93 -20.65
N GLU A 120 17.20 -17.62 -20.82
CA GLU A 120 18.44 -16.89 -21.06
C GLU A 120 19.09 -16.35 -19.79
N GLY A 121 18.53 -16.65 -18.62
CA GLY A 121 19.07 -16.12 -17.38
C GLY A 121 20.30 -16.87 -16.90
N GLY A 122 20.94 -16.30 -15.89
CA GLY A 122 22.13 -16.91 -15.32
C GLY A 122 23.35 -16.02 -15.33
N MET A 123 23.16 -14.70 -15.38
CA MET A 123 24.28 -13.77 -15.30
C MET A 123 24.62 -13.46 -13.84
N ASP A 124 25.91 -13.27 -13.58
CA ASP A 124 26.39 -13.02 -12.23
C ASP A 124 25.92 -11.63 -11.75
N PRO A 125 25.96 -11.39 -10.44
CA PRO A 125 25.47 -10.11 -9.92
C PRO A 125 26.14 -8.89 -10.53
N GLU A 126 27.44 -8.98 -10.86
CA GLU A 126 28.13 -7.84 -11.46
C GLU A 126 27.50 -7.46 -12.80
N SER A 127 27.14 -8.47 -13.61
CA SER A 127 26.49 -8.18 -14.89
C SER A 127 25.11 -7.56 -14.68
N LEU A 128 24.36 -8.03 -13.68
CA LEU A 128 23.06 -7.43 -13.38
C LEU A 128 23.22 -6.00 -12.86
N LEU A 129 24.14 -5.80 -11.92
CA LEU A 129 24.27 -4.50 -11.27
C LEU A 129 24.97 -3.47 -12.15
N GLU A 130 25.98 -3.89 -12.92
CA GLU A 130 26.85 -2.96 -13.62
C GLU A 130 27.04 -3.25 -15.10
N GLY A 131 26.49 -4.35 -15.63
CA GLY A 131 26.72 -4.68 -17.02
C GLY A 131 25.97 -3.77 -17.97
N ASP A 132 26.56 -3.55 -19.14
CA ASP A 132 26.00 -2.69 -20.18
C ASP A 132 25.81 -3.48 -21.47
N ASP A 133 24.94 -2.97 -22.33
CA ASP A 133 24.67 -3.63 -23.61
C ASP A 133 25.83 -3.52 -24.58
N GLY A 134 26.63 -2.45 -24.48
CA GLY A 134 27.85 -2.32 -25.26
C GLY A 134 27.65 -2.25 -26.77
N LYS A 135 26.73 -1.39 -27.21
CA LYS A 135 26.34 -1.27 -28.61
C LYS A 135 25.92 0.16 -28.91
N THR A 136 25.08 0.37 -29.91
CA THR A 136 24.53 1.69 -30.20
C THR A 136 23.43 2.06 -29.20
N TYR A 137 22.72 3.16 -29.47
CA TYR A 137 21.54 3.50 -28.70
C TYR A 137 20.48 2.41 -28.86
N PHE A 138 19.73 2.16 -27.81
CA PHE A 138 18.72 1.12 -27.87
C PHE A 138 17.63 1.42 -26.86
N TYR A 139 16.45 0.83 -27.10
CA TYR A 139 15.38 0.86 -26.13
C TYR A 139 14.72 -0.51 -26.09
N GLN A 140 14.15 -0.83 -24.93
CA GLN A 140 13.32 -2.02 -24.80
C GLN A 140 12.02 -1.77 -24.08
N LEU A 141 11.90 -0.70 -23.30
CA LEU A 141 10.76 -0.49 -22.41
C LEU A 141 10.20 0.91 -22.56
N TRP A 142 8.93 1.04 -22.24
CA TRP A 142 8.21 2.31 -22.12
C TRP A 142 8.18 2.72 -20.65
N TYR A 143 8.28 4.01 -20.39
CA TYR A 143 8.46 4.53 -19.04
C TYR A 143 7.38 5.54 -18.71
N ASP A 144 6.74 5.38 -17.56
CA ASP A 144 5.81 6.35 -17.01
C ASP A 144 6.54 7.14 -15.92
N GLN A 145 6.71 8.45 -16.15
CA GLN A 145 7.56 9.26 -15.26
C GLN A 145 6.89 9.56 -13.93
N ASP A 146 5.56 9.62 -13.90
CA ASP A 146 4.87 9.92 -12.65
C ASP A 146 4.81 8.72 -11.71
N TYR A 147 4.65 7.51 -12.24
CA TYR A 147 4.46 6.32 -11.42
C TYR A 147 5.68 5.43 -11.37
N ALA A 148 6.76 5.79 -12.08
CA ALA A 148 7.97 4.97 -12.14
C ALA A 148 7.66 3.55 -12.57
N ARG A 149 6.95 3.42 -13.70
CA ARG A 149 6.61 2.13 -14.26
C ARG A 149 7.36 1.93 -15.56
N PHE A 150 8.04 0.80 -15.68
CA PHE A 150 8.66 0.35 -16.93
C PHE A 150 7.79 -0.76 -17.51
N GLU A 151 7.32 -0.57 -18.74
CA GLU A 151 6.38 -1.51 -19.34
C GLU A 151 6.79 -1.82 -20.77
N SER A 152 6.30 -2.95 -21.28
CA SER A 152 6.54 -3.31 -22.66
C SER A 152 5.98 -2.22 -23.57
N PRO A 153 6.63 -1.92 -24.70
CA PRO A 153 6.20 -0.80 -25.53
C PRO A 153 4.77 -0.99 -26.01
N PRO A 154 3.99 0.09 -26.08
CA PRO A 154 2.61 -0.03 -26.56
C PRO A 154 2.57 -0.46 -28.02
N LYS A 155 1.51 -1.20 -28.37
CA LYS A 155 1.28 -1.64 -29.74
C LYS A 155 0.20 -0.81 -30.43
N THR A 156 0.18 0.49 -30.16
CA THR A 156 -0.84 1.36 -30.72
C THR A 156 -0.71 1.42 -32.24
N GLN A 157 -1.76 1.00 -32.94
CA GLN A 157 -1.74 0.88 -34.38
C GLN A 157 -2.06 2.21 -35.06
N PRO A 158 -1.54 2.43 -36.26
CA PRO A 158 -1.92 3.62 -37.03
C PRO A 158 -3.27 3.41 -37.70
N THR A 159 -3.71 4.44 -38.42
CA THR A 159 -4.84 4.35 -39.32
C THR A 159 -4.33 4.20 -40.74
N GLU A 160 -5.25 4.23 -41.71
CA GLU A 160 -4.89 4.48 -43.09
C GLU A 160 -4.94 5.95 -43.45
N ASP A 161 -5.50 6.79 -42.58
CA ASP A 161 -5.61 8.22 -42.81
C ASP A 161 -4.39 8.98 -42.32
N ASN A 162 -3.84 8.61 -41.17
CA ASN A 162 -2.77 9.36 -40.53
C ASN A 162 -1.41 8.67 -40.60
N LYS A 163 -1.27 7.66 -41.47
CA LYS A 163 -0.02 6.89 -41.51
C LYS A 163 1.17 7.74 -41.94
N PHE A 164 0.94 8.76 -42.77
CA PHE A 164 2.03 9.58 -43.26
C PHE A 164 2.58 10.52 -42.19
N LYS A 165 1.82 10.80 -41.14
CA LYS A 165 2.26 11.71 -40.09
C LYS A 165 1.97 11.15 -38.71
N PHE A 166 1.92 9.82 -38.58
CA PHE A 166 1.44 9.20 -37.34
C PHE A 166 2.46 9.37 -36.23
N CYS A 167 1.98 9.75 -35.05
CA CYS A 167 2.79 9.87 -33.85
C CYS A 167 2.12 9.04 -32.76
N VAL A 168 2.85 8.04 -32.24
CA VAL A 168 2.28 7.15 -31.23
C VAL A 168 1.94 7.93 -29.97
N SER A 169 2.82 8.86 -29.58
CA SER A 169 2.57 9.67 -28.39
C SER A 169 1.32 10.52 -28.55
N CYS A 170 1.14 11.14 -29.72
CA CYS A 170 -0.07 11.95 -29.93
C CYS A 170 -1.33 11.09 -29.80
N ALA A 171 -1.34 9.90 -30.41
CA ALA A 171 -2.52 9.05 -30.36
C ALA A 171 -2.83 8.63 -28.93
N ARG A 172 -1.82 8.23 -28.16
CA ARG A 172 -2.07 7.78 -26.80
C ARG A 172 -2.52 8.92 -25.90
N LEU A 173 -1.96 10.12 -26.08
CA LEU A 173 -2.42 11.27 -25.31
C LEU A 173 -3.87 11.60 -25.63
N ALA A 174 -4.26 11.51 -26.91
CA ALA A 174 -5.65 11.73 -27.28
C ALA A 174 -6.56 10.70 -26.64
N GLU A 175 -6.14 9.43 -26.62
CA GLU A 175 -6.93 8.39 -25.97
C GLU A 175 -7.10 8.66 -24.49
N MET A 176 -6.03 9.09 -23.81
CA MET A 176 -6.12 9.39 -22.39
C MET A 176 -7.03 10.58 -22.13
N ARG A 177 -6.94 11.63 -22.97
CA ARG A 177 -7.79 12.80 -22.77
C ARG A 177 -9.27 12.45 -22.91
N GLN A 178 -9.61 11.65 -23.92
CA GLN A 178 -11.02 11.29 -24.12
C GLN A 178 -11.51 10.35 -23.03
N LYS A 179 -10.64 9.46 -22.55
CA LYS A 179 -11.01 8.54 -21.48
C LYS A 179 -11.34 9.29 -20.18
N GLU A 180 -10.77 10.48 -19.99
CA GLU A 180 -10.98 11.24 -18.76
C GLU A 180 -12.26 12.07 -18.77
N ILE A 181 -12.64 12.65 -19.91
CA ILE A 181 -13.79 13.57 -19.94
C ILE A 181 -15.09 12.78 -19.79
N PRO A 182 -15.95 13.11 -18.84
CA PRO A 182 -17.25 12.44 -18.74
C PRO A 182 -18.10 12.65 -19.98
N ARG A 183 -18.78 11.60 -20.41
CA ARG A 183 -19.66 11.67 -21.57
C ARG A 183 -20.92 10.87 -21.31
N VAL A 184 -22.02 11.31 -21.93
CA VAL A 184 -23.27 10.56 -21.92
C VAL A 184 -23.36 9.78 -23.22
N LEU A 185 -24.05 8.63 -23.19
CA LEU A 185 -24.10 7.77 -24.37
C LEU A 185 -25.50 7.62 -24.93
N GLU A 186 -26.44 7.07 -24.17
CA GLU A 186 -27.73 6.64 -24.72
C GLU A 186 -28.83 7.48 -24.11
N GLN A 187 -29.48 8.30 -24.93
CA GLN A 187 -30.52 9.20 -24.46
C GLN A 187 -31.80 8.42 -24.18
N LEU A 188 -32.39 8.66 -23.02
CA LEU A 188 -33.61 7.95 -22.61
C LEU A 188 -34.87 8.75 -22.90
N GLU A 189 -35.03 9.92 -22.31
CA GLU A 189 -36.27 10.67 -22.41
C GLU A 189 -35.99 12.16 -22.40
N ASP A 190 -36.78 12.91 -23.16
CA ASP A 190 -36.67 14.36 -23.22
C ASP A 190 -37.72 14.96 -22.30
N LEU A 191 -37.27 15.57 -21.20
CA LEU A 191 -38.17 16.21 -20.26
C LEU A 191 -38.29 17.70 -20.57
N ASP A 192 -39.09 18.39 -19.77
CA ASP A 192 -39.35 19.80 -20.01
C ASP A 192 -38.10 20.65 -19.80
N SER A 193 -37.24 20.27 -18.86
CA SER A 193 -36.05 21.06 -18.53
C SER A 193 -34.74 20.30 -18.66
N ARG A 194 -34.76 18.98 -18.76
CA ARG A 194 -33.54 18.19 -18.83
C ARG A 194 -33.72 17.06 -19.84
N VAL A 195 -32.61 16.45 -20.23
CA VAL A 195 -32.61 15.29 -21.11
C VAL A 195 -32.06 14.11 -20.31
N LEU A 196 -32.87 13.07 -20.18
CA LEU A 196 -32.45 11.89 -19.43
C LEU A 196 -31.65 10.94 -20.32
N TYR A 197 -30.70 10.24 -19.71
CA TYR A 197 -29.85 9.30 -20.42
C TYR A 197 -29.87 7.96 -19.69
N TYR A 198 -29.67 6.89 -20.46
CA TYR A 198 -29.61 5.57 -19.85
C TYR A 198 -28.21 5.27 -19.31
N SER A 199 -27.17 5.74 -19.99
CA SER A 199 -25.80 5.39 -19.63
C SER A 199 -24.88 6.59 -19.83
N ALA A 200 -23.77 6.57 -19.10
CA ALA A 200 -22.73 7.58 -19.20
C ALA A 200 -21.41 6.93 -18.84
N THR A 201 -20.32 7.51 -19.31
CA THR A 201 -19.00 6.93 -19.10
C THR A 201 -18.04 7.97 -18.53
N LYS A 202 -17.08 7.48 -17.74
CA LYS A 202 -16.12 8.33 -17.06
C LYS A 202 -14.94 7.47 -16.63
N ASN A 203 -13.72 7.89 -16.99
CA ASN A 203 -12.49 7.17 -16.64
C ASN A 203 -12.52 5.72 -17.07
N GLY A 204 -13.17 5.43 -18.18
CA GLY A 204 -13.26 4.07 -18.70
C GLY A 204 -14.33 3.21 -18.05
N ILE A 205 -15.11 3.75 -17.12
CA ILE A 205 -16.14 2.99 -16.42
C ILE A 205 -17.50 3.38 -16.99
N LEU A 206 -18.33 2.37 -17.25
CA LEU A 206 -19.69 2.58 -17.74
C LEU A 206 -20.65 2.68 -16.57
N TYR A 207 -21.46 3.73 -16.56
CA TYR A 207 -22.48 3.94 -15.53
C TYR A 207 -23.85 3.91 -16.19
N ARG A 208 -24.78 3.14 -15.62
CA ARG A 208 -26.13 3.02 -16.12
C ARG A 208 -27.13 3.37 -15.02
N VAL A 209 -28.37 3.64 -15.42
CA VAL A 209 -29.43 3.84 -14.46
C VAL A 209 -29.56 2.58 -13.60
N GLY A 210 -29.67 2.77 -12.29
CA GLY A 210 -29.73 1.66 -11.35
C GLY A 210 -28.39 1.18 -10.82
N ASP A 211 -27.28 1.69 -11.35
CA ASP A 211 -25.96 1.31 -10.84
C ASP A 211 -25.66 2.04 -9.54
N GLY A 212 -24.79 1.43 -8.73
CA GLY A 212 -24.29 2.09 -7.54
C GLY A 212 -23.10 2.98 -7.86
N VAL A 213 -23.00 4.08 -7.13
CA VAL A 213 -21.92 5.05 -7.33
C VAL A 213 -21.29 5.39 -5.98
N TYR A 214 -19.97 5.45 -5.97
CA TYR A 214 -19.24 6.02 -4.85
C TYR A 214 -19.21 7.54 -4.98
N LEU A 215 -19.45 8.22 -3.87
CA LEU A 215 -19.40 9.67 -3.83
C LEU A 215 -18.58 10.11 -2.62
N PRO A 216 -17.93 11.28 -2.70
CA PRO A 216 -17.20 11.79 -1.55
C PRO A 216 -18.16 12.07 -0.40
N PRO A 217 -17.66 12.04 0.84
CA PRO A 217 -18.55 12.27 1.98
C PRO A 217 -19.25 13.61 1.95
N GLU A 218 -18.68 14.61 1.27
CA GLU A 218 -19.28 15.93 1.19
C GLU A 218 -20.39 16.02 0.14
N ALA A 219 -20.63 14.95 -0.63
CA ALA A 219 -21.56 15.03 -1.75
C ALA A 219 -22.98 15.34 -1.26
N PHE A 220 -23.42 14.70 -0.19
CA PHE A 220 -24.73 14.98 0.37
C PHE A 220 -24.74 14.67 1.86
N THR A 221 -25.74 15.21 2.55
CA THR A 221 -26.00 14.90 3.94
C THR A 221 -27.16 13.91 4.04
N PHE A 222 -27.38 13.43 5.26
CA PHE A 222 -28.52 12.58 5.55
C PHE A 222 -29.57 13.37 6.32
N ASN A 223 -30.82 12.94 6.22
CA ASN A 223 -31.92 13.61 6.92
C ASN A 223 -31.95 13.28 8.41
N ILE A 224 -30.98 12.55 8.91
CA ILE A 224 -30.86 12.31 10.35
C ILE A 224 -30.32 13.57 11.00
N LYS A 225 -31.14 14.20 11.85
CA LYS A 225 -30.72 15.40 12.55
C LYS A 225 -29.74 15.02 13.66
N LEU A 226 -28.45 14.98 13.31
CA LEU A 226 -27.42 14.49 14.22
C LEU A 226 -27.42 15.27 15.53
N SER A 227 -26.96 14.62 16.59
CA SER A 227 -26.74 15.25 17.87
C SER A 227 -25.26 15.55 18.05
N SER A 228 -24.97 16.66 18.73
CA SER A 228 -23.60 17.08 18.91
C SER A 228 -22.90 16.21 19.93
N PRO A 229 -21.86 15.46 19.56
CA PRO A 229 -21.13 14.66 20.55
C PRO A 229 -20.47 15.57 21.57
N VAL A 230 -20.42 15.10 22.82
CA VAL A 230 -19.80 15.89 23.88
C VAL A 230 -18.31 15.95 23.61
N LYS A 231 -17.84 17.10 23.13
CA LYS A 231 -16.43 17.25 22.79
C LYS A 231 -15.57 17.14 24.04
N ARG A 232 -14.46 16.42 23.93
CA ARG A 232 -13.58 16.23 25.07
C ARG A 232 -13.02 17.57 25.51
N PRO A 233 -13.25 18.00 26.75
CA PRO A 233 -12.73 19.30 27.19
C PRO A 233 -11.22 19.31 27.27
N ARG A 234 -10.65 20.46 27.63
CA ARG A 234 -9.21 20.53 27.85
C ARG A 234 -8.82 19.60 29.00
N LYS A 235 -7.56 19.18 28.99
CA LYS A 235 -7.08 18.23 29.99
C LYS A 235 -7.32 18.77 31.39
N GLU A 236 -8.21 18.11 32.13
CA GLU A 236 -8.60 18.60 33.44
C GLU A 236 -7.41 18.58 34.38
N PRO A 237 -7.33 19.54 35.31
CA PRO A 237 -6.20 19.57 36.25
C PRO A 237 -6.20 18.34 37.14
N VAL A 238 -5.01 17.74 37.29
CA VAL A 238 -4.84 16.57 38.13
C VAL A 238 -3.99 16.96 39.33
N ASP A 239 -4.05 16.14 40.37
CA ASP A 239 -3.21 16.33 41.54
C ASP A 239 -1.77 16.06 41.12
N GLU A 240 -0.99 17.12 40.95
CA GLU A 240 0.34 17.00 40.38
C GLU A 240 1.35 16.32 41.29
N ASP A 241 1.02 16.15 42.57
CA ASP A 241 1.89 15.39 43.47
C ASP A 241 1.63 13.88 43.39
N LEU A 242 0.38 13.47 43.16
CA LEU A 242 0.08 12.06 42.97
C LEU A 242 0.49 11.57 41.58
N TYR A 243 0.38 12.43 40.56
CA TYR A 243 0.72 12.09 39.19
C TYR A 243 1.74 13.12 38.70
N PRO A 244 3.00 12.99 39.14
CA PRO A 244 3.99 14.03 38.82
C PRO A 244 4.37 14.09 37.36
N GLU A 245 4.27 13.00 36.62
CA GLU A 245 4.68 12.98 35.23
C GLU A 245 3.55 13.29 34.26
N HIS A 246 2.36 13.61 34.78
CA HIS A 246 1.24 13.93 33.91
C HIS A 246 1.47 15.21 33.10
N TYR A 247 2.35 16.09 33.56
CA TYR A 247 2.63 17.32 32.82
C TYR A 247 3.30 17.04 31.47
N ARG A 248 3.96 15.89 31.32
CA ARG A 248 4.63 15.57 30.07
C ARG A 248 3.67 15.23 28.94
N LYS A 249 2.36 15.23 29.20
CA LYS A 249 1.35 14.97 28.19
C LYS A 249 0.78 16.25 27.60
N TYR A 250 1.58 17.33 27.54
CA TYR A 250 1.07 18.60 27.07
C TYR A 250 0.64 18.54 25.60
N SER A 251 1.17 17.61 24.83
CA SER A 251 0.69 17.39 23.48
C SER A 251 -0.65 16.66 23.52
N ASP A 252 -1.61 17.12 22.72
CA ASP A 252 -2.92 16.49 22.65
C ASP A 252 -2.95 15.30 21.69
N TYR A 253 -1.82 14.98 21.06
CA TYR A 253 -1.77 13.91 20.07
C TYR A 253 -1.76 12.54 20.76
N ILE A 254 -2.58 11.62 20.25
CA ILE A 254 -2.69 10.27 20.79
C ILE A 254 -2.29 9.29 19.68
N LYS A 255 -1.25 8.50 19.94
CA LYS A 255 -0.84 7.47 19.00
C LYS A 255 -1.95 6.45 18.81
N GLY A 256 -2.17 6.05 17.56
CA GLY A 256 -3.14 5.01 17.29
C GLY A 256 -4.58 5.43 17.42
N SER A 257 -4.86 6.73 17.45
CA SER A 257 -6.23 7.23 17.57
C SER A 257 -6.87 7.39 16.20
N ASN A 258 -8.18 7.15 16.15
CA ASN A 258 -8.95 7.23 14.91
C ASN A 258 -9.81 8.48 14.84
N LEU A 259 -9.49 9.53 15.60
CA LEU A 259 -10.29 10.74 15.61
C LEU A 259 -10.18 11.54 14.31
N ASP A 260 -9.13 11.31 13.52
CA ASP A 260 -8.90 12.08 12.31
C ASP A 260 -9.05 11.26 11.03
N ALA A 261 -9.47 10.00 11.13
CA ALA A 261 -9.69 9.21 9.92
C ALA A 261 -10.92 9.73 9.18
N PRO A 262 -10.87 9.86 7.87
CA PRO A 262 -12.01 10.41 7.12
C PRO A 262 -13.18 9.44 7.08
N GLU A 263 -14.33 9.98 6.73
CA GLU A 263 -15.51 9.16 6.48
C GLU A 263 -15.32 8.35 5.21
N PRO A 264 -15.88 7.14 5.15
CA PRO A 264 -15.88 6.38 3.89
C PRO A 264 -16.84 7.00 2.89
N TYR A 265 -16.89 6.44 1.68
CA TYR A 265 -17.69 7.01 0.60
C TYR A 265 -19.18 7.07 0.97
N ARG A 266 -19.85 8.13 0.51
CA ARG A 266 -21.28 8.05 0.34
C ARG A 266 -21.59 7.07 -0.79
N ILE A 267 -22.70 6.35 -0.65
CA ILE A 267 -23.10 5.37 -1.64
C ILE A 267 -24.53 5.67 -2.09
N GLY A 268 -24.73 5.72 -3.40
CA GLY A 268 -26.05 5.95 -3.94
C GLY A 268 -26.30 5.05 -5.14
N ARG A 269 -27.59 4.91 -5.47
CA ARG A 269 -28.01 4.22 -6.68
C ARG A 269 -28.51 5.25 -7.68
N ILE A 270 -28.04 5.14 -8.92
CA ILE A 270 -28.40 6.12 -9.94
C ILE A 270 -29.88 6.00 -10.26
N LYS A 271 -30.62 7.08 -10.00
CA LYS A 271 -32.02 7.15 -10.40
C LYS A 271 -32.18 7.78 -11.78
N GLU A 272 -31.43 8.84 -12.06
CA GLU A 272 -31.46 9.52 -13.34
C GLU A 272 -30.07 10.00 -13.71
N ILE A 273 -29.74 9.93 -14.99
CA ILE A 273 -28.60 10.63 -15.57
C ILE A 273 -29.15 11.68 -16.52
N PHE A 274 -28.82 12.94 -16.28
CA PHE A 274 -29.45 14.00 -17.06
C PHE A 274 -28.49 15.16 -17.28
N CYS A 275 -28.76 15.92 -18.34
CA CYS A 275 -28.10 17.16 -18.70
C CYS A 275 -29.13 18.29 -18.79
N PRO A 276 -28.80 19.49 -18.30
CA PRO A 276 -29.71 20.62 -18.50
C PRO A 276 -29.83 20.96 -19.98
N LYS A 277 -31.01 21.41 -20.36
CA LYS A 277 -31.29 21.76 -21.75
C LYS A 277 -30.97 23.23 -22.00
N LYS A 278 -30.25 23.50 -23.09
CA LYS A 278 -30.10 24.86 -23.56
C LYS A 278 -31.44 25.40 -24.01
N SER A 279 -31.48 26.71 -24.27
CA SER A 279 -32.74 27.34 -24.64
C SER A 279 -33.33 26.72 -25.91
N ASN A 280 -32.47 26.30 -26.84
CA ASN A 280 -32.93 25.73 -28.11
C ASN A 280 -33.43 24.29 -27.95
N GLY A 281 -33.37 23.72 -26.76
CA GLY A 281 -33.79 22.36 -26.52
C GLY A 281 -32.68 21.33 -26.53
N ARG A 282 -31.50 21.70 -27.00
CA ARG A 282 -30.37 20.77 -27.01
C ARG A 282 -29.79 20.61 -25.61
N PRO A 283 -29.32 19.42 -25.25
CA PRO A 283 -28.75 19.22 -23.91
C PRO A 283 -27.33 19.74 -23.83
N ASN A 284 -27.00 20.30 -22.66
CA ASN A 284 -25.64 20.74 -22.36
C ASN A 284 -24.88 19.53 -21.83
N GLU A 285 -24.22 18.81 -22.74
CA GLU A 285 -23.58 17.55 -22.41
C GLU A 285 -22.20 17.73 -21.80
N THR A 286 -21.74 18.97 -21.62
CA THR A 286 -20.51 19.24 -20.88
C THR A 286 -20.76 19.39 -19.38
N ASP A 287 -22.02 19.32 -18.94
CA ASP A 287 -22.38 19.43 -17.54
C ASP A 287 -23.37 18.31 -17.22
N ILE A 288 -22.84 17.14 -16.88
CA ILE A 288 -23.65 15.96 -16.64
C ILE A 288 -23.97 15.87 -15.16
N LYS A 289 -25.25 15.65 -14.85
CA LYS A 289 -25.71 15.50 -13.48
C LYS A 289 -26.27 14.10 -13.29
N ILE A 290 -26.30 13.64 -12.05
CA ILE A 290 -26.95 12.39 -11.70
C ILE A 290 -27.83 12.63 -10.49
N ARG A 291 -28.94 11.90 -10.42
CA ARG A 291 -29.82 11.88 -9.27
C ARG A 291 -29.76 10.49 -8.64
N VAL A 292 -29.52 10.44 -7.34
CA VAL A 292 -29.30 9.17 -6.66
C VAL A 292 -30.25 9.04 -5.48
N ASN A 293 -30.56 7.80 -5.14
CA ASN A 293 -31.15 7.47 -3.85
C ASN A 293 -30.04 7.29 -2.82
N LYS A 294 -30.19 7.92 -1.66
CA LYS A 294 -29.18 7.84 -0.62
C LYS A 294 -29.25 6.50 0.10
N PHE A 295 -28.12 5.80 0.15
CA PHE A 295 -28.01 4.62 1.00
C PHE A 295 -27.45 5.01 2.35
N TYR A 296 -27.99 4.42 3.40
CA TYR A 296 -27.49 4.58 4.75
C TYR A 296 -26.51 3.47 5.09
N ARG A 297 -25.35 3.84 5.61
CA ARG A 297 -24.58 2.87 6.39
C ARG A 297 -25.20 2.76 7.77
N PRO A 298 -24.99 1.64 8.47
CA PRO A 298 -25.55 1.52 9.83
C PRO A 298 -25.17 2.67 10.73
N GLU A 299 -23.93 3.17 10.64
CA GLU A 299 -23.48 4.27 11.48
C GLU A 299 -24.03 5.63 11.05
N ASN A 300 -24.67 5.73 9.88
CA ASN A 300 -25.29 6.98 9.48
C ASN A 300 -26.70 7.15 10.08
N THR A 301 -27.30 6.07 10.57
CA THR A 301 -28.63 6.13 11.14
C THR A 301 -28.59 6.78 12.54
N HIS A 302 -29.74 6.84 13.19
CA HIS A 302 -29.78 7.38 14.55
C HIS A 302 -29.05 6.48 15.54
N LYS A 303 -28.96 5.18 15.25
CA LYS A 303 -28.21 4.27 16.11
C LYS A 303 -26.72 4.57 16.11
N SER A 304 -26.23 5.32 15.12
CA SER A 304 -24.89 5.90 15.12
C SER A 304 -23.78 4.85 15.13
N THR A 305 -22.59 5.25 15.61
CA THR A 305 -21.40 4.42 15.48
C THR A 305 -21.54 3.01 16.07
N PRO A 306 -22.11 2.81 17.26
CA PRO A 306 -22.20 1.43 17.79
C PRO A 306 -22.96 0.48 16.89
N ALA A 307 -23.80 0.97 15.98
CA ALA A 307 -24.45 0.09 15.02
C ALA A 307 -23.44 -0.58 14.09
N SER A 308 -22.24 -0.02 13.96
CA SER A 308 -21.24 -0.60 13.09
C SER A 308 -20.47 -1.74 13.73
N TYR A 309 -20.64 -1.99 15.03
CA TYR A 309 -19.80 -2.98 15.71
C TYR A 309 -20.06 -4.38 15.19
N HIS A 310 -21.33 -4.77 15.06
CA HIS A 310 -21.68 -6.12 14.63
C HIS A 310 -21.97 -6.24 13.14
N ALA A 311 -22.33 -5.13 12.49
CA ALA A 311 -22.81 -5.17 11.11
C ALA A 311 -21.71 -5.58 10.13
N ASP A 312 -22.12 -6.23 9.04
CA ASP A 312 -21.19 -6.49 7.95
C ASP A 312 -20.66 -5.17 7.40
N ILE A 313 -19.38 -5.17 7.01
CA ILE A 313 -18.78 -3.94 6.55
CA ILE A 313 -18.73 -3.97 6.52
C ILE A 313 -19.40 -3.44 5.25
N ASN A 314 -20.08 -4.30 4.50
CA ASN A 314 -20.73 -3.91 3.26
C ASN A 314 -22.25 -3.91 3.38
N LEU A 315 -22.78 -3.84 4.59
CA LEU A 315 -24.22 -3.74 4.78
C LEU A 315 -24.66 -2.29 4.66
N LEU A 316 -25.75 -2.06 3.92
CA LEU A 316 -26.37 -0.75 3.79
C LEU A 316 -27.86 -0.89 4.05
N TYR A 317 -28.51 0.26 4.21
CA TYR A 317 -29.96 0.34 4.29
C TYR A 317 -30.47 1.21 3.16
N TRP A 318 -31.41 0.67 2.37
CA TRP A 318 -32.08 1.46 1.36
C TRP A 318 -32.86 2.60 2.02
N SER A 319 -32.99 3.71 1.29
CA SER A 319 -33.82 4.82 1.75
C SER A 319 -34.44 5.49 0.53
N ASP A 320 -35.48 6.28 0.77
CA ASP A 320 -36.17 7.00 -0.29
C ASP A 320 -35.69 8.44 -0.44
N GLU A 321 -34.70 8.87 0.35
CA GLU A 321 -34.12 10.19 0.17
C GLU A 321 -33.35 10.24 -1.14
N GLU A 322 -33.27 11.44 -1.72
CA GLU A 322 -32.65 11.63 -3.02
C GLU A 322 -31.72 12.85 -2.99
N ALA A 323 -30.72 12.83 -3.86
CA ALA A 323 -29.78 13.92 -3.97
C ALA A 323 -29.34 14.08 -5.42
N VAL A 324 -28.95 15.29 -5.79
CA VAL A 324 -28.44 15.61 -7.11
C VAL A 324 -26.99 16.07 -6.95
N VAL A 325 -26.09 15.43 -7.69
CA VAL A 325 -24.67 15.77 -7.66
C VAL A 325 -24.15 15.79 -9.09
N ASP A 326 -23.00 16.44 -9.27
CA ASP A 326 -22.35 16.44 -10.56
C ASP A 326 -21.77 15.07 -10.86
N PHE A 327 -21.84 14.66 -12.13
CA PHE A 327 -21.25 13.40 -12.53
C PHE A 327 -19.75 13.37 -12.29
N LYS A 328 -19.08 14.52 -12.41
CA LYS A 328 -17.65 14.57 -12.18
C LYS A 328 -17.27 14.24 -10.74
N ALA A 329 -18.22 14.28 -9.81
CA ALA A 329 -17.95 13.96 -8.41
C ALA A 329 -17.93 12.46 -8.14
N VAL A 330 -18.42 11.64 -9.06
CA VAL A 330 -18.46 10.19 -8.85
C VAL A 330 -17.03 9.66 -8.75
N GLN A 331 -16.75 8.92 -7.68
CA GLN A 331 -15.43 8.37 -7.45
C GLN A 331 -15.27 6.95 -7.95
N GLY A 332 -16.35 6.31 -8.38
CA GLY A 332 -16.27 4.94 -8.86
C GLY A 332 -17.63 4.29 -8.84
N ARG A 333 -17.66 3.07 -9.38
CA ARG A 333 -18.87 2.30 -9.53
C ARG A 333 -18.85 1.14 -8.54
N CYS A 334 -20.03 0.82 -8.00
CA CYS A 334 -20.14 -0.30 -7.07
C CYS A 334 -21.43 -1.04 -7.34
N THR A 335 -21.55 -2.23 -6.76
CA THR A 335 -22.74 -3.06 -6.88
C THR A 335 -23.47 -3.03 -5.54
N VAL A 336 -24.75 -2.65 -5.57
CA VAL A 336 -25.60 -2.67 -4.40
C VAL A 336 -26.83 -3.48 -4.76
N GLU A 337 -26.96 -4.67 -4.17
CA GLU A 337 -28.00 -5.61 -4.53
C GLU A 337 -28.91 -5.88 -3.34
N TYR A 338 -30.18 -6.18 -3.63
CA TYR A 338 -31.10 -6.65 -2.60
C TYR A 338 -30.73 -8.07 -2.21
N GLY A 339 -30.53 -8.29 -0.91
CA GLY A 339 -30.01 -9.57 -0.46
C GLY A 339 -30.96 -10.73 -0.69
N GLU A 340 -32.26 -10.51 -0.43
CA GLU A 340 -33.25 -11.58 -0.51
C GLU A 340 -33.68 -11.90 -1.94
N ASP A 341 -32.93 -11.44 -2.95
CA ASP A 341 -33.16 -11.82 -4.34
C ASP A 341 -31.90 -12.36 -4.99
N LEU A 342 -30.83 -12.55 -4.24
CA LEU A 342 -29.57 -13.01 -4.81
C LEU A 342 -29.66 -14.49 -5.19
N PRO A 343 -29.08 -14.89 -6.33
CA PRO A 343 -29.04 -16.32 -6.66
C PRO A 343 -28.21 -17.13 -5.68
N GLU A 344 -27.20 -16.54 -5.07
CA GLU A 344 -26.34 -17.19 -4.10
C GLU A 344 -26.49 -16.50 -2.74
N CYS A 345 -25.90 -17.10 -1.72
CA CYS A 345 -25.98 -16.50 -0.39
C CYS A 345 -25.12 -15.24 -0.33
N VAL A 346 -25.36 -14.42 0.68
CA VAL A 346 -24.71 -13.11 0.78
C VAL A 346 -23.19 -13.27 0.91
N GLN A 347 -22.74 -14.27 1.67
CA GLN A 347 -21.32 -14.40 1.94
C GLN A 347 -20.53 -14.72 0.68
N VAL A 348 -21.00 -15.67 -0.13
CA VAL A 348 -20.30 -15.98 -1.37
C VAL A 348 -20.42 -14.85 -2.38
N TYR A 349 -21.52 -14.08 -2.30
CA TYR A 349 -21.62 -12.87 -3.11
C TYR A 349 -20.58 -11.84 -2.67
N SER A 350 -20.49 -11.58 -1.37
CA SER A 350 -19.56 -10.57 -0.87
C SER A 350 -18.11 -10.95 -1.15
N MET A 351 -17.81 -12.25 -1.22
CA MET A 351 -16.45 -12.71 -1.45
C MET A 351 -16.13 -12.94 -2.93
N GLY A 352 -17.10 -12.77 -3.81
CA GLY A 352 -16.92 -13.08 -5.21
C GLY A 352 -16.50 -11.94 -6.11
N GLY A 353 -16.25 -10.76 -5.57
CA GLY A 353 -15.86 -9.63 -6.38
C GLY A 353 -15.75 -8.34 -5.59
N PRO A 354 -15.10 -7.33 -6.18
CA PRO A 354 -14.88 -6.07 -5.47
C PRO A 354 -16.10 -5.16 -5.52
N ASN A 355 -16.13 -4.22 -4.58
CA ASN A 355 -17.12 -3.13 -4.57
C ASN A 355 -18.54 -3.66 -4.45
N ARG A 356 -18.73 -4.73 -3.69
CA ARG A 356 -20.04 -5.36 -3.57
C ARG A 356 -20.66 -5.02 -2.21
N PHE A 357 -21.85 -4.43 -2.26
CA PHE A 357 -22.66 -4.09 -1.10
C PHE A 357 -24.03 -4.74 -1.24
N TYR A 358 -24.74 -4.84 -0.12
CA TYR A 358 -26.06 -5.43 -0.13
C TYR A 358 -26.91 -4.77 0.95
N PHE A 359 -28.23 -4.89 0.79
CA PHE A 359 -29.19 -4.36 1.74
C PHE A 359 -30.33 -5.35 1.90
N LEU A 360 -30.90 -5.39 3.09
CA LEU A 360 -32.03 -6.24 3.39
C LEU A 360 -33.26 -5.48 3.88
N GLU A 361 -33.06 -4.35 4.55
CA GLU A 361 -34.15 -3.50 5.02
C GLU A 361 -33.99 -2.11 4.44
N ALA A 362 -35.05 -1.32 4.60
CA ALA A 362 -35.04 0.10 4.29
C ALA A 362 -35.05 0.89 5.60
N TYR A 363 -34.63 2.15 5.51
CA TYR A 363 -34.54 3.01 6.68
C TYR A 363 -35.37 4.26 6.45
N ASN A 364 -36.20 4.61 7.44
CA ASN A 364 -37.00 5.81 7.44
C ASN A 364 -36.44 6.74 8.52
N ALA A 365 -35.82 7.85 8.10
CA ALA A 365 -35.23 8.77 9.06
C ALA A 365 -36.29 9.42 9.95
N LYS A 366 -37.41 9.83 9.37
CA LYS A 366 -38.45 10.48 10.15
C LYS A 366 -39.03 9.53 11.19
N SER A 367 -39.25 8.27 10.81
CA SER A 367 -39.78 7.26 11.72
C SER A 367 -38.72 6.57 12.56
N LYS A 368 -37.45 6.65 12.16
CA LYS A 368 -36.36 5.90 12.81
C LYS A 368 -36.71 4.42 12.91
N SER A 369 -37.25 3.89 11.82
CA SER A 369 -37.73 2.51 11.77
C SER A 369 -37.16 1.82 10.55
N PHE A 370 -37.23 0.49 10.56
CA PHE A 370 -36.66 -0.35 9.51
C PHE A 370 -37.77 -1.18 8.88
N GLU A 371 -38.37 -0.63 7.83
CA GLU A 371 -39.36 -1.36 7.05
C GLU A 371 -38.67 -2.24 6.01
N ASP A 372 -39.45 -3.03 5.29
CA ASP A 372 -38.72 -3.73 4.25
C ASP A 372 -38.79 -2.96 2.94
N PRO A 373 -37.77 -3.08 2.08
CA PRO A 373 -37.65 -2.15 0.96
C PRO A 373 -38.80 -2.29 -0.02
N PRO A 374 -39.20 -1.22 -0.69
CA PRO A 374 -40.27 -1.31 -1.67
C PRO A 374 -39.86 -2.15 -2.87
N ASN A 375 -40.85 -2.39 -3.74
CA ASN A 375 -40.67 -3.29 -4.87
C ASN A 375 -39.65 -2.74 -5.87
N HIS A 376 -39.61 -1.42 -6.06
CA HIS A 376 -38.77 -0.82 -7.08
C HIS A 376 -37.29 -0.76 -6.69
N ALA A 377 -36.89 -1.50 -5.65
CA ALA A 377 -35.50 -1.59 -5.24
C ALA A 377 -34.84 -2.88 -5.72
N ARG A 378 -35.51 -3.65 -6.57
CA ARG A 378 -34.99 -4.90 -7.10
C ARG A 378 -34.98 -4.83 -8.63
N SER A 379 -34.22 -5.75 -9.24
CA SER A 379 -34.11 -5.81 -10.69
C SER A 379 -34.68 -7.11 -11.23
N LYS A 409 -11.76 -22.22 -13.47
CA LYS A 409 -11.06 -20.94 -13.31
C LYS A 409 -9.61 -21.04 -13.77
N LEU A 410 -8.85 -19.98 -13.54
CA LEU A 410 -7.45 -19.97 -13.96
C LEU A 410 -6.65 -20.94 -13.10
N PRO A 411 -5.75 -21.73 -13.70
CA PRO A 411 -4.83 -22.53 -12.89
C PRO A 411 -3.89 -21.63 -12.10
N LYS A 412 -3.58 -22.06 -10.88
CA LYS A 412 -2.74 -21.26 -10.00
C LYS A 412 -1.29 -21.31 -10.44
N LEU A 413 -0.55 -20.24 -10.14
CA LEU A 413 0.87 -20.17 -10.46
C LEU A 413 1.68 -20.96 -9.46
N ARG A 414 2.61 -21.80 -9.96
CA ARG A 414 3.57 -22.47 -9.09
C ARG A 414 4.52 -21.43 -8.52
N THR A 415 4.53 -21.29 -7.20
CA THR A 415 5.16 -20.15 -6.55
C THR A 415 6.30 -20.62 -5.65
N LEU A 416 7.41 -19.88 -5.68
CA LEU A 416 8.52 -20.05 -4.77
C LEU A 416 8.57 -18.83 -3.84
N ASP A 417 8.51 -19.05 -2.53
CA ASP A 417 8.47 -17.99 -1.54
C ASP A 417 9.76 -18.00 -0.74
N VAL A 418 10.60 -16.97 -0.95
CA VAL A 418 11.93 -16.88 -0.33
C VAL A 418 11.84 -15.98 0.89
N PHE A 419 12.50 -16.40 1.98
CA PHE A 419 12.38 -15.75 3.29
C PHE A 419 10.91 -15.72 3.73
N SER A 420 10.28 -16.90 3.70
CA SER A 420 8.82 -16.97 3.79
C SER A 420 8.30 -16.67 5.19
N GLY A 421 9.12 -16.85 6.23
CA GLY A 421 8.54 -16.76 7.56
C GLY A 421 7.52 -17.86 7.75
N CYS A 422 6.53 -17.61 8.61
CA CYS A 422 5.50 -18.62 8.82
C CYS A 422 4.51 -18.70 7.67
N GLY A 423 4.51 -17.72 6.76
CA GLY A 423 3.75 -17.83 5.53
C GLY A 423 2.66 -16.79 5.28
N GLY A 424 2.80 -15.60 5.85
CA GLY A 424 1.76 -14.60 5.69
C GLY A 424 1.55 -14.19 4.25
N LEU A 425 2.65 -13.90 3.54
CA LEU A 425 2.54 -13.50 2.13
C LEU A 425 1.95 -14.62 1.29
N SER A 426 2.41 -15.86 1.48
CA SER A 426 1.84 -17.00 0.77
C SER A 426 0.37 -17.19 1.10
N GLU A 427 -0.02 -16.97 2.37
CA GLU A 427 -1.42 -17.15 2.74
C GLU A 427 -2.32 -16.14 2.02
N GLY A 428 -1.89 -14.88 1.95
CA GLY A 428 -2.68 -13.89 1.23
C GLY A 428 -2.77 -14.17 -0.25
N PHE A 429 -1.66 -14.60 -0.86
CA PHE A 429 -1.70 -14.97 -2.26
C PHE A 429 -2.61 -16.16 -2.50
N HIS A 430 -2.62 -17.12 -1.57
CA HIS A 430 -3.52 -18.26 -1.71
C HIS A 430 -4.98 -17.81 -1.65
N GLN A 431 -5.30 -16.90 -0.73
CA GLN A 431 -6.67 -16.40 -0.64
C GLN A 431 -7.07 -15.66 -1.92
N ALA A 432 -6.11 -14.98 -2.57
CA ALA A 432 -6.40 -14.32 -3.83
C ALA A 432 -6.63 -15.32 -4.97
N GLY A 433 -6.30 -16.59 -4.76
CA GLY A 433 -6.56 -17.60 -5.79
C GLY A 433 -5.54 -17.67 -6.90
N ILE A 434 -4.36 -17.06 -6.73
CA ILE A 434 -3.40 -17.00 -7.82
C ILE A 434 -2.25 -17.98 -7.70
N SER A 435 -2.02 -18.56 -6.52
CA SER A 435 -0.74 -19.23 -6.29
C SER A 435 -0.92 -20.52 -5.50
N ASP A 436 -0.08 -21.50 -5.84
CA ASP A 436 0.23 -22.63 -4.98
C ASP A 436 1.72 -22.52 -4.66
N THR A 437 2.05 -22.23 -3.41
CA THR A 437 3.45 -22.14 -3.01
C THR A 437 3.99 -23.57 -2.88
N LEU A 438 4.65 -24.04 -3.93
CA LEU A 438 5.21 -25.38 -3.92
C LEU A 438 6.59 -25.44 -3.29
N TRP A 439 7.29 -24.32 -3.15
CA TRP A 439 8.61 -24.30 -2.54
C TRP A 439 8.72 -23.07 -1.66
N ALA A 440 9.39 -23.23 -0.52
CA ALA A 440 9.65 -22.10 0.37
C ALA A 440 11.06 -22.23 0.92
N ILE A 441 11.70 -21.10 1.18
CA ILE A 441 13.02 -21.06 1.79
C ILE A 441 12.91 -20.27 3.08
N GLU A 442 13.21 -20.92 4.20
CA GLU A 442 13.13 -20.24 5.50
C GLU A 442 14.20 -20.84 6.40
N MET A 443 15.18 -20.02 6.78
CA MET A 443 16.33 -20.49 7.52
C MET A 443 16.07 -20.61 9.02
N TRP A 444 15.07 -19.91 9.56
CA TRP A 444 14.77 -19.97 10.98
C TRP A 444 13.78 -21.10 11.22
N ASP A 445 14.21 -22.12 11.96
CA ASP A 445 13.47 -23.39 11.98
C ASP A 445 12.06 -23.30 12.55
N PRO A 446 11.79 -22.59 13.65
CA PRO A 446 10.38 -22.49 14.10
C PRO A 446 9.43 -21.91 13.06
N ALA A 447 9.86 -20.88 12.32
CA ALA A 447 9.00 -20.37 11.25
C ALA A 447 8.88 -21.39 10.12
N ALA A 448 9.95 -22.12 9.83
CA ALA A 448 9.88 -23.15 8.80
C ALA A 448 8.88 -24.23 9.19
N GLN A 449 8.88 -24.63 10.46
CA GLN A 449 7.91 -25.61 10.93
C GLN A 449 6.49 -25.07 10.85
N ALA A 450 6.31 -23.79 11.18
CA ALA A 450 4.99 -23.18 11.06
C ALA A 450 4.52 -23.20 9.60
N PHE A 451 5.42 -22.90 8.67
CA PHE A 451 5.03 -22.91 7.26
C PHE A 451 4.60 -24.30 6.82
N ARG A 452 5.32 -25.33 7.28
CA ARG A 452 4.97 -26.72 6.94
C ARG A 452 3.57 -27.08 7.44
N LEU A 453 3.25 -26.72 8.68
CA LEU A 453 1.96 -27.07 9.26
C LEU A 453 0.80 -26.48 8.45
N ASN A 454 0.99 -25.31 7.86
CA ASN A 454 -0.06 -24.67 7.08
C ASN A 454 -0.01 -25.02 5.60
N ASN A 455 1.09 -25.60 5.13
CA ASN A 455 1.29 -25.91 3.72
C ASN A 455 1.84 -27.32 3.58
N PRO A 456 1.02 -28.34 3.86
CA PRO A 456 1.55 -29.72 3.84
C PRO A 456 2.06 -30.19 2.48
N GLY A 457 1.61 -29.59 1.38
CA GLY A 457 2.11 -29.98 0.09
C GLY A 457 3.32 -29.22 -0.41
N SER A 458 3.90 -28.35 0.41
CA SER A 458 5.03 -27.54 -0.03
C SER A 458 6.34 -28.15 0.43
N THR A 459 7.39 -27.85 -0.33
CA THR A 459 8.75 -28.26 0.00
C THR A 459 9.46 -27.08 0.65
N VAL A 460 9.84 -27.22 1.91
CA VAL A 460 10.41 -26.11 2.66
C VAL A 460 11.90 -26.36 2.82
N PHE A 461 12.70 -25.47 2.26
CA PHE A 461 14.15 -25.56 2.36
C PHE A 461 14.62 -24.68 3.51
N THR A 462 15.50 -25.22 4.35
CA THR A 462 16.08 -24.45 5.44
C THR A 462 17.48 -23.92 5.13
N GLU A 463 18.05 -24.28 3.98
CA GLU A 463 19.39 -23.83 3.65
C GLU A 463 19.44 -22.34 3.35
N ASP A 464 20.66 -21.79 3.41
CA ASP A 464 20.90 -20.45 2.90
C ASP A 464 20.57 -20.42 1.41
N CYS A 465 19.85 -19.38 0.99
CA CYS A 465 19.36 -19.35 -0.39
C CYS A 465 20.49 -19.30 -1.41
N ASN A 466 21.66 -18.76 -1.04
CA ASN A 466 22.80 -18.81 -1.96
C ASN A 466 23.25 -20.23 -2.22
N ILE A 467 23.23 -21.07 -1.18
CA ILE A 467 23.66 -22.46 -1.34
C ILE A 467 22.75 -23.20 -2.31
N LEU A 468 21.42 -23.04 -2.14
CA LEU A 468 20.47 -23.72 -3.00
C LEU A 468 20.67 -23.33 -4.45
N LEU A 469 20.80 -22.02 -4.71
CA LEU A 469 20.94 -21.56 -6.09
C LEU A 469 22.23 -22.07 -6.71
N LYS A 470 23.32 -22.10 -5.93
CA LYS A 470 24.57 -22.67 -6.44
C LYS A 470 24.40 -24.14 -6.80
N LEU A 471 23.67 -24.90 -5.98
CA LEU A 471 23.46 -26.31 -6.29
C LEU A 471 22.66 -26.47 -7.57
N VAL A 472 21.61 -25.68 -7.74
CA VAL A 472 20.79 -25.76 -8.95
C VAL A 472 21.63 -25.40 -10.17
N MET A 473 22.39 -24.31 -10.09
CA MET A 473 23.23 -23.90 -11.21
C MET A 473 24.34 -24.89 -11.50
N ALA A 474 24.72 -25.71 -10.52
CA ALA A 474 25.70 -26.75 -10.76
C ALA A 474 25.10 -28.00 -11.39
N GLY A 475 23.78 -28.05 -11.57
CA GLY A 475 23.14 -29.21 -12.13
C GLY A 475 22.61 -30.21 -11.13
N GLU A 476 22.55 -29.86 -9.85
CA GLU A 476 22.02 -30.77 -8.85
C GLU A 476 20.50 -30.84 -8.92
N THR A 477 19.95 -32.01 -8.64
CA THR A 477 18.51 -32.20 -8.66
C THR A 477 17.88 -32.26 -7.28
N THR A 478 18.63 -32.70 -6.26
CA THR A 478 18.13 -32.75 -4.90
C THR A 478 19.14 -32.12 -3.95
N ASN A 479 18.64 -31.56 -2.85
CA ASN A 479 19.50 -31.03 -1.80
C ASN A 479 19.92 -32.17 -0.88
N SER A 480 20.59 -31.85 0.23
CA SER A 480 21.14 -32.90 1.07
C SER A 480 20.08 -33.61 1.91
N ARG A 481 18.85 -33.11 1.94
CA ARG A 481 17.73 -33.78 2.60
C ARG A 481 16.96 -34.71 1.67
N GLY A 482 17.34 -34.81 0.40
CA GLY A 482 16.55 -35.51 -0.58
C GLY A 482 15.42 -34.71 -1.20
N GLN A 483 15.27 -33.44 -0.85
CA GLN A 483 14.19 -32.62 -1.41
C GLN A 483 14.52 -32.18 -2.82
N ARG A 484 13.56 -32.35 -3.73
CA ARG A 484 13.76 -31.99 -5.12
C ARG A 484 13.86 -30.47 -5.26
N LEU A 485 14.88 -30.01 -5.97
CA LEU A 485 15.08 -28.57 -6.17
C LEU A 485 14.25 -28.06 -7.35
N PRO A 486 13.72 -26.84 -7.27
CA PRO A 486 13.02 -26.28 -8.44
C PRO A 486 14.00 -25.99 -9.56
N GLN A 487 13.58 -26.31 -10.78
CA GLN A 487 14.36 -26.10 -11.99
C GLN A 487 13.69 -25.02 -12.85
N LYS A 488 14.42 -24.60 -13.90
CA LYS A 488 13.88 -23.60 -14.81
C LYS A 488 12.58 -24.10 -15.42
N GLY A 489 11.57 -23.23 -15.43
CA GLY A 489 10.24 -23.59 -15.87
C GLY A 489 9.31 -24.04 -14.77
N ASP A 490 9.84 -24.54 -13.65
CA ASP A 490 8.97 -24.90 -12.53
C ASP A 490 8.41 -23.65 -11.84
N VAL A 491 9.25 -22.64 -11.67
CA VAL A 491 8.90 -21.46 -10.88
C VAL A 491 8.18 -20.46 -11.79
N GLU A 492 6.90 -20.21 -11.51
CA GLU A 492 6.11 -19.26 -12.29
C GLU A 492 5.91 -17.94 -11.57
N MET A 493 6.01 -17.92 -10.25
CA MET A 493 5.96 -16.69 -9.48
C MET A 493 7.00 -16.77 -8.37
N LEU A 494 7.64 -15.65 -8.09
CA LEU A 494 8.68 -15.56 -7.07
C LEU A 494 8.33 -14.40 -6.15
N CYS A 495 8.25 -14.66 -4.85
CA CYS A 495 7.96 -13.60 -3.91
C CYS A 495 8.86 -13.76 -2.69
N GLY A 496 9.09 -12.66 -1.99
CA GLY A 496 9.86 -12.74 -0.76
C GLY A 496 10.20 -11.38 -0.20
N GLY A 497 10.66 -11.39 1.06
CA GLY A 497 11.17 -10.20 1.66
C GLY A 497 12.56 -10.40 2.25
N PRO A 498 13.58 -9.91 1.56
CA PRO A 498 14.95 -10.11 2.02
C PRO A 498 15.34 -9.06 3.04
N PRO A 499 16.00 -9.46 4.13
CA PRO A 499 16.54 -8.48 5.07
C PRO A 499 17.67 -7.68 4.44
N CYS A 500 17.93 -6.50 5.01
CA CYS A 500 18.94 -5.58 4.49
C CYS A 500 19.97 -5.24 5.55
N GLN A 501 20.39 -6.24 6.33
CA GLN A 501 21.38 -6.01 7.36
C GLN A 501 22.71 -5.54 6.75
N GLY A 502 23.26 -4.47 7.31
CA GLY A 502 24.53 -3.94 6.89
C GLY A 502 24.45 -2.74 5.97
N PHE A 503 23.29 -2.51 5.34
CA PHE A 503 23.12 -1.35 4.47
C PHE A 503 21.73 -0.75 4.61
N SER A 504 21.14 -0.82 5.79
CA SER A 504 19.86 -0.19 6.05
C SER A 504 20.00 1.21 6.62
N GLY A 505 21.19 1.80 6.53
CA GLY A 505 21.36 3.20 6.86
C GLY A 505 20.92 4.10 5.72
N MET A 506 20.82 5.40 6.03
CA MET A 506 20.45 6.39 5.03
C MET A 506 21.64 7.03 4.35
N ASN A 507 22.83 6.91 4.94
CA ASN A 507 24.03 7.51 4.38
C ASN A 507 24.43 6.81 3.08
N ARG A 508 25.25 7.50 2.28
CA ARG A 508 25.60 7.00 0.96
C ARG A 508 26.45 5.75 1.04
N PHE A 509 26.40 4.96 -0.03
CA PHE A 509 27.29 3.81 -0.18
C PHE A 509 28.74 4.25 -0.19
N ASN A 510 29.60 3.47 0.45
CA ASN A 510 31.04 3.48 0.20
C ASN A 510 31.44 2.10 -0.32
N SER A 511 32.74 1.92 -0.55
CA SER A 511 33.21 0.67 -1.12
C SER A 511 32.97 -0.52 -0.19
N ARG A 512 33.00 -0.29 1.12
CA ARG A 512 32.77 -1.37 2.08
C ARG A 512 31.31 -1.82 2.05
N THR A 513 30.38 -0.88 2.25
CA THR A 513 28.97 -1.24 2.31
C THR A 513 28.45 -1.70 0.95
N TYR A 514 29.00 -1.17 -0.15
CA TYR A 514 28.59 -1.64 -1.46
C TYR A 514 28.99 -3.09 -1.68
N SER A 515 30.15 -3.49 -1.15
CA SER A 515 30.53 -4.91 -1.19
C SER A 515 29.54 -5.76 -0.41
N LYS A 516 29.11 -5.29 0.76
CA LYS A 516 28.11 -6.03 1.53
C LYS A 516 26.80 -6.13 0.77
N PHE A 517 26.48 -5.13 -0.07
CA PHE A 517 25.22 -5.17 -0.81
C PHE A 517 25.28 -6.19 -1.95
N LYS A 518 26.38 -6.23 -2.71
CA LYS A 518 26.45 -7.18 -3.81
C LYS A 518 26.54 -8.62 -3.32
N ASN A 519 26.91 -8.84 -2.06
CA ASN A 519 26.86 -10.15 -1.45
C ASN A 519 25.63 -10.33 -0.56
N SER A 520 24.61 -9.50 -0.73
CA SER A 520 23.49 -9.47 0.20
C SER A 520 22.39 -10.44 -0.22
N LEU A 521 21.44 -10.65 0.69
CA LEU A 521 20.26 -11.46 0.37
C LEU A 521 19.35 -10.79 -0.64
N VAL A 522 19.38 -9.45 -0.72
CA VAL A 522 18.61 -8.75 -1.75
C VAL A 522 19.12 -9.16 -3.13
N VAL A 523 20.42 -9.12 -3.33
CA VAL A 523 21.00 -9.47 -4.63
C VAL A 523 20.83 -10.96 -4.92
N SER A 524 20.94 -11.81 -3.90
CA SER A 524 20.68 -13.23 -4.09
CA SER A 524 20.68 -13.23 -4.10
C SER A 524 19.25 -13.45 -4.58
N PHE A 525 18.29 -12.74 -3.99
CA PHE A 525 16.90 -12.86 -4.40
C PHE A 525 16.72 -12.42 -5.86
N LEU A 526 17.42 -11.36 -6.26
CA LEU A 526 17.40 -10.93 -7.66
C LEU A 526 18.06 -11.97 -8.57
N SER A 527 19.06 -12.69 -8.08
CA SER A 527 19.67 -13.76 -8.88
C SER A 527 18.69 -14.91 -9.10
N TYR A 528 17.85 -15.20 -8.10
CA TYR A 528 16.76 -16.16 -8.30
C TYR A 528 15.84 -15.70 -9.42
N CYS A 529 15.48 -14.43 -9.42
CA CYS A 529 14.61 -13.90 -10.47
C CYS A 529 15.27 -14.02 -11.83
N ASP A 530 16.56 -13.67 -11.92
CA ASP A 530 17.27 -13.78 -13.18
C ASP A 530 17.38 -15.22 -13.65
N TYR A 531 17.62 -16.16 -12.74
CA TYR A 531 17.77 -17.56 -13.14
C TYR A 531 16.44 -18.17 -13.55
N TYR A 532 15.43 -18.08 -12.68
CA TYR A 532 14.16 -18.75 -12.95
C TYR A 532 13.26 -17.99 -13.90
N ARG A 533 13.44 -16.69 -14.03
CA ARG A 533 12.62 -15.83 -14.87
C ARG A 533 11.12 -16.15 -14.76
N PRO A 534 10.54 -16.00 -13.57
CA PRO A 534 9.10 -16.24 -13.42
C PRO A 534 8.28 -15.21 -14.17
N ARG A 535 7.00 -15.54 -14.35
CA ARG A 535 6.06 -14.60 -14.96
C ARG A 535 5.91 -13.34 -14.11
N PHE A 536 5.83 -13.50 -12.79
CA PHE A 536 5.62 -12.38 -11.88
C PHE A 536 6.62 -12.44 -10.73
N PHE A 537 6.99 -11.27 -10.23
CA PHE A 537 7.99 -11.14 -9.19
C PHE A 537 7.51 -10.11 -8.18
N LEU A 538 7.72 -10.40 -6.89
CA LEU A 538 7.31 -9.48 -5.84
C LEU A 538 8.40 -9.43 -4.76
N LEU A 539 8.87 -8.22 -4.47
CA LEU A 539 9.78 -7.98 -3.36
C LEU A 539 9.11 -7.03 -2.39
N GLU A 540 8.92 -7.48 -1.15
CA GLU A 540 8.33 -6.65 -0.11
C GLU A 540 9.39 -6.34 0.95
N ASN A 541 9.24 -5.21 1.61
CA ASN A 541 10.24 -4.81 2.60
C ASN A 541 9.67 -3.69 3.46
N VAL A 542 10.45 -3.30 4.47
CA VAL A 542 10.13 -2.11 5.25
C VAL A 542 10.06 -0.90 4.32
N ARG A 543 9.30 0.11 4.76
CA ARG A 543 9.09 1.29 3.92
C ARG A 543 10.41 1.92 3.50
N ASN A 544 11.36 2.03 4.43
CA ASN A 544 12.60 2.75 4.14
C ASN A 544 13.51 2.04 3.15
N PHE A 545 13.13 0.86 2.65
CA PHE A 545 13.84 0.25 1.53
C PHE A 545 13.97 1.22 0.36
N VAL A 546 12.97 2.09 0.17
CA VAL A 546 13.03 3.08 -0.90
C VAL A 546 14.04 4.19 -0.63
N SER A 547 14.54 4.32 0.61
CA SER A 547 15.46 5.39 0.95
CA SER A 547 15.45 5.39 0.96
C SER A 547 16.83 4.91 1.42
N PHE A 548 17.02 3.61 1.64
CA PHE A 548 18.31 3.10 2.10
C PHE A 548 19.43 3.56 1.18
N LYS A 549 20.50 4.11 1.78
CA LYS A 549 21.72 4.45 1.07
C LYS A 549 21.44 5.43 -0.08
N ARG A 550 20.74 6.51 0.26
CA ARG A 550 20.36 7.55 -0.71
C ARG A 550 19.59 6.96 -1.88
N SER A 551 18.68 6.02 -1.58
CA SER A 551 17.83 5.34 -2.56
C SER A 551 18.61 4.49 -3.55
N MET A 552 19.89 4.22 -3.29
CA MET A 552 20.67 3.39 -4.22
C MET A 552 20.25 1.92 -4.16
N VAL A 553 19.79 1.44 -3.00
CA VAL A 553 19.31 0.07 -2.91
C VAL A 553 18.11 -0.13 -3.82
N LEU A 554 17.14 0.78 -3.75
CA LEU A 554 16.00 0.74 -4.66
C LEU A 554 16.43 0.89 -6.11
N LYS A 555 17.30 1.87 -6.39
CA LYS A 555 17.67 2.14 -7.77
C LYS A 555 18.38 0.95 -8.40
N LEU A 556 19.33 0.36 -7.67
CA LEU A 556 20.03 -0.82 -8.18
C LEU A 556 19.09 -2.01 -8.34
N THR A 557 18.13 -2.18 -7.43
CA THR A 557 17.18 -3.27 -7.58
C THR A 557 16.38 -3.13 -8.87
N LEU A 558 15.84 -1.94 -9.13
CA LEU A 558 15.12 -1.70 -10.38
C LEU A 558 16.06 -1.83 -11.58
N ARG A 559 17.30 -1.40 -11.42
CA ARG A 559 18.28 -1.52 -12.49
C ARG A 559 18.48 -2.98 -12.89
N CYS A 560 18.61 -3.87 -11.91
CA CYS A 560 18.77 -5.29 -12.21
C CYS A 560 17.58 -5.84 -12.98
N LEU A 561 16.37 -5.49 -12.55
CA LEU A 561 15.17 -6.01 -13.20
C LEU A 561 15.09 -5.56 -14.65
N VAL A 562 15.39 -4.28 -14.89
CA VAL A 562 15.40 -3.77 -16.27
C VAL A 562 16.47 -4.47 -17.10
N ARG A 563 17.65 -4.68 -16.50
CA ARG A 563 18.72 -5.39 -17.18
C ARG A 563 18.29 -6.80 -17.60
N MET A 564 17.49 -7.47 -16.77
CA MET A 564 16.97 -8.79 -17.14
C MET A 564 15.93 -8.71 -18.26
N GLY A 565 15.40 -7.51 -18.53
CA GLY A 565 14.29 -7.37 -19.45
C GLY A 565 12.91 -7.38 -18.80
N TYR A 566 12.83 -7.20 -17.48
CA TYR A 566 11.56 -7.21 -16.79
C TYR A 566 10.87 -5.86 -16.86
N GLN A 567 9.54 -5.88 -16.99
CA GLN A 567 8.74 -4.73 -16.62
C GLN A 567 8.71 -4.63 -15.11
N CYS A 568 8.71 -3.42 -14.57
CA CYS A 568 8.80 -3.31 -13.12
C CYS A 568 8.33 -1.94 -12.65
N THR A 569 8.02 -1.88 -11.36
CA THR A 569 7.62 -0.65 -10.70
C THR A 569 7.84 -0.82 -9.20
N PHE A 570 7.57 0.25 -8.45
CA PHE A 570 7.70 0.22 -7.00
C PHE A 570 6.69 1.18 -6.39
N GLY A 571 6.44 1.00 -5.10
CA GLY A 571 5.54 1.89 -4.37
C GLY A 571 5.51 1.49 -2.91
N VAL A 572 4.80 2.29 -2.13
CA VAL A 572 4.65 2.07 -0.69
C VAL A 572 3.17 1.87 -0.40
N LEU A 573 2.84 0.89 0.44
CA LEU A 573 1.46 0.57 0.79
C LEU A 573 1.28 0.61 2.30
N GLN A 574 0.08 1.00 2.75
CA GLN A 574 -0.26 1.03 4.16
C GLN A 574 -1.21 -0.13 4.45
N ALA A 575 -0.74 -1.11 5.24
CA ALA A 575 -1.53 -2.32 5.49
C ALA A 575 -2.90 -2.00 6.05
N GLY A 576 -3.00 -0.95 6.88
CA GLY A 576 -4.28 -0.59 7.47
C GLY A 576 -5.35 -0.22 6.46
N GLN A 577 -4.95 0.19 5.26
CA GLN A 577 -5.91 0.51 4.21
C GLN A 577 -6.50 -0.74 3.55
N TYR A 578 -6.03 -1.94 3.87
CA TYR A 578 -6.55 -3.17 3.27
C TYR A 578 -7.18 -4.10 4.30
N GLY A 579 -7.46 -3.59 5.50
CA GLY A 579 -8.36 -4.31 6.38
C GLY A 579 -7.77 -4.86 7.65
N VAL A 580 -6.75 -4.20 8.20
CA VAL A 580 -6.25 -4.54 9.53
C VAL A 580 -6.23 -3.28 10.38
N ALA A 581 -6.40 -3.47 11.68
CA ALA A 581 -6.36 -2.38 12.65
C ALA A 581 -4.92 -2.11 13.08
N GLN A 582 -4.08 -1.81 12.10
CA GLN A 582 -2.65 -1.71 12.34
C GLN A 582 -2.03 -0.77 11.31
N THR A 583 -1.16 0.12 11.78
CA THR A 583 -0.37 0.93 10.86
C THR A 583 0.92 0.16 10.53
N ARG A 584 1.11 -0.13 9.24
CA ARG A 584 2.29 -0.88 8.80
C ARG A 584 2.52 -0.52 7.34
N ARG A 585 3.49 0.37 7.08
CA ARG A 585 3.84 0.74 5.73
C ARG A 585 4.91 -0.22 5.21
N ARG A 586 4.73 -0.68 3.97
CA ARG A 586 5.67 -1.60 3.35
CA ARG A 586 5.62 -1.64 3.33
C ARG A 586 6.05 -1.11 1.96
N ALA A 587 7.32 -1.28 1.63
CA ALA A 587 7.80 -1.02 0.27
C ALA A 587 7.56 -2.25 -0.57
N ILE A 588 7.04 -2.05 -1.78
CA ILE A 588 6.67 -3.15 -2.67
C ILE A 588 7.33 -2.92 -4.01
N ILE A 589 8.04 -3.93 -4.51
CA ILE A 589 8.55 -3.92 -5.87
C ILE A 589 7.85 -5.05 -6.63
N LEU A 590 7.24 -4.70 -7.76
CA LEU A 590 6.54 -5.64 -8.61
C LEU A 590 7.24 -5.73 -9.96
N ALA A 591 7.31 -6.94 -10.52
CA ALA A 591 7.89 -7.12 -11.83
C ALA A 591 7.05 -8.13 -12.59
N ALA A 592 7.02 -7.97 -13.91
CA ALA A 592 6.26 -8.85 -14.80
C ALA A 592 7.10 -9.15 -16.03
N ALA A 593 7.09 -10.41 -16.44
CA ALA A 593 7.88 -10.84 -17.59
C ALA A 593 7.38 -10.19 -18.87
N PRO A 594 8.23 -10.07 -19.89
CA PRO A 594 7.74 -9.67 -21.21
C PRO A 594 6.69 -10.64 -21.71
N GLY A 595 5.65 -10.10 -22.34
CA GLY A 595 4.47 -10.87 -22.65
C GLY A 595 3.39 -10.79 -21.59
N GLU A 596 3.71 -10.32 -20.39
CA GLU A 596 2.74 -10.16 -19.32
C GLU A 596 2.30 -8.71 -19.21
N LYS A 597 1.20 -8.51 -18.49
CA LYS A 597 0.75 -7.19 -18.09
C LYS A 597 1.34 -6.88 -16.72
N LEU A 598 1.95 -5.69 -16.58
CA LEU A 598 2.49 -5.28 -15.28
C LEU A 598 1.36 -4.86 -14.35
N PRO A 599 1.24 -5.47 -13.18
CA PRO A 599 0.10 -5.17 -12.30
C PRO A 599 0.12 -3.74 -11.78
N LEU A 600 -1.07 -3.24 -11.48
CA LEU A 600 -1.21 -1.98 -10.76
C LEU A 600 -1.17 -2.21 -9.26
N PHE A 601 -0.89 -1.15 -8.51
CA PHE A 601 -1.01 -1.28 -7.07
C PHE A 601 -2.49 -1.24 -6.67
N PRO A 602 -2.87 -1.96 -5.62
CA PRO A 602 -4.30 -2.08 -5.27
C PRO A 602 -4.84 -0.81 -4.62
N GLU A 603 -6.05 -0.44 -5.02
CA GLU A 603 -6.70 0.73 -4.44
C GLU A 603 -7.06 0.44 -2.98
N PRO A 604 -6.90 1.43 -2.09
CA PRO A 604 -7.30 1.23 -0.69
C PRO A 604 -8.76 0.83 -0.56
N LEU A 605 -9.01 -0.13 0.33
CA LEU A 605 -10.35 -0.60 0.64
C LEU A 605 -10.96 0.09 1.84
N HIS A 606 -10.16 0.38 2.86
CA HIS A 606 -10.63 0.95 4.12
C HIS A 606 -10.04 2.34 4.30
N VAL A 607 -10.82 3.26 4.87
CA VAL A 607 -10.28 4.53 5.28
C VAL A 607 -9.32 4.30 6.46
N PHE A 608 -8.35 5.19 6.61
CA PHE A 608 -7.34 5.04 7.65
C PHE A 608 -6.82 6.42 8.00
N ALA A 609 -6.17 6.52 9.17
CA ALA A 609 -5.68 7.81 9.65
C ALA A 609 -4.72 8.42 8.64
N PRO A 610 -4.96 9.65 8.17
CA PRO A 610 -4.10 10.20 7.11
C PRO A 610 -2.64 10.35 7.48
N ARG A 611 -2.32 10.55 8.77
CA ARG A 611 -0.92 10.63 9.17
C ARG A 611 -0.16 9.37 8.85
N ALA A 612 -0.83 8.22 8.84
CA ALA A 612 -0.18 6.94 8.58
C ALA A 612 -0.20 6.54 7.11
N CYS A 613 -0.75 7.38 6.23
CA CYS A 613 -0.88 7.06 4.81
C CYS A 613 -0.04 7.97 3.93
N GLN A 614 1.21 8.24 4.36
CA GLN A 614 2.14 9.01 3.54
C GLN A 614 2.90 8.03 2.65
N LEU A 615 2.48 7.94 1.39
CA LEU A 615 2.92 6.87 0.50
C LEU A 615 3.86 7.36 -0.60
N SER A 616 4.11 8.65 -0.70
CA SER A 616 4.96 9.17 -1.75
C SER A 616 6.43 8.91 -1.43
N VAL A 617 7.24 8.83 -2.47
CA VAL A 617 8.66 8.53 -2.36
C VAL A 617 9.44 9.56 -3.18
N VAL A 618 10.49 10.13 -2.59
CA VAL A 618 11.38 11.06 -3.27
C VAL A 618 12.68 10.35 -3.59
N VAL A 619 13.03 10.32 -4.87
CA VAL A 619 14.29 9.76 -5.36
C VAL A 619 15.00 10.85 -6.17
N ASP A 620 16.16 11.28 -5.70
CA ASP A 620 16.97 12.30 -6.37
C ASP A 620 16.14 13.55 -6.65
N ASP A 621 15.42 14.00 -5.62
CA ASP A 621 14.55 15.18 -5.60
C ASP A 621 13.32 15.04 -6.50
N LYS A 622 13.10 13.89 -7.13
CA LYS A 622 11.92 13.64 -7.94
C LYS A 622 10.92 12.86 -7.09
N LYS A 623 9.70 13.39 -6.98
CA LYS A 623 8.66 12.77 -6.17
C LYS A 623 7.89 11.75 -7.00
N PHE A 624 7.78 10.53 -6.47
CA PHE A 624 7.09 9.44 -7.15
C PHE A 624 5.89 9.00 -6.31
N VAL A 625 4.81 8.64 -6.99
CA VAL A 625 3.61 8.10 -6.37
C VAL A 625 3.22 6.85 -7.15
N SER A 626 2.29 6.08 -6.59
CA SER A 626 1.76 4.94 -7.31
C SER A 626 0.49 5.34 -8.06
N ASN A 627 -0.10 4.38 -8.76
CA ASN A 627 -1.34 4.61 -9.50
C ASN A 627 -2.55 4.84 -8.60
N ILE A 628 -2.39 4.70 -7.28
CA ILE A 628 -3.52 4.79 -6.37
C ILE A 628 -4.20 6.15 -6.48
N THR A 629 -5.53 6.14 -6.66
CA THR A 629 -6.30 7.38 -6.74
C THR A 629 -7.17 7.64 -5.51
N ARG A 630 -7.41 6.64 -4.68
CA ARG A 630 -8.21 6.85 -3.47
C ARG A 630 -7.31 7.47 -2.41
N LEU A 631 -7.30 8.81 -2.38
CA LEU A 631 -6.46 9.54 -1.44
C LEU A 631 -7.22 10.08 -0.24
N SER A 632 -8.52 10.37 -0.39
CA SER A 632 -9.28 11.08 0.64
C SER A 632 -10.32 10.23 1.34
N SER A 633 -10.74 9.13 0.74
CA SER A 633 -11.82 8.32 1.30
C SER A 633 -11.69 6.92 0.71
N GLY A 634 -12.70 6.08 0.96
CA GLY A 634 -12.68 4.72 0.48
C GLY A 634 -14.00 4.02 0.76
N PRO A 635 -14.17 2.81 0.22
CA PRO A 635 -15.48 2.16 0.33
C PRO A 635 -15.86 1.66 1.71
N PHE A 636 -14.91 1.25 2.55
CA PHE A 636 -15.22 0.61 3.83
C PHE A 636 -14.66 1.40 5.00
N ARG A 637 -15.33 1.29 6.14
CA ARG A 637 -14.89 1.95 7.36
C ARG A 637 -13.62 1.29 7.89
N THR A 638 -12.92 2.04 8.75
CA THR A 638 -11.64 1.57 9.27
C THR A 638 -11.86 0.44 10.27
N ILE A 639 -10.94 -0.53 10.27
CA ILE A 639 -10.98 -1.65 11.21
C ILE A 639 -10.30 -1.20 12.50
N THR A 640 -10.97 -1.40 13.63
CA THR A 640 -10.51 -0.94 14.93
C THR A 640 -10.01 -2.10 15.79
N VAL A 641 -9.40 -1.74 16.93
CA VAL A 641 -8.99 -2.74 17.91
C VAL A 641 -10.21 -3.51 18.40
N ARG A 642 -11.34 -2.82 18.57
CA ARG A 642 -12.58 -3.50 18.94
C ARG A 642 -12.94 -4.58 17.93
N ASP A 643 -12.97 -4.22 16.64
CA ASP A 643 -13.26 -5.21 15.60
C ASP A 643 -12.29 -6.37 15.65
N THR A 644 -11.07 -6.11 16.11
CA THR A 644 -9.98 -7.08 16.05
C THR A 644 -10.06 -8.12 17.16
N MET A 645 -10.40 -7.71 18.39
CA MET A 645 -10.24 -8.63 19.50
C MET A 645 -11.28 -8.51 20.61
N SER A 646 -12.42 -7.84 20.36
CA SER A 646 -13.41 -7.70 21.43
C SER A 646 -14.04 -9.04 21.83
N ASP A 647 -13.89 -10.08 21.01
CA ASP A 647 -14.52 -11.37 21.29
C ASP A 647 -13.62 -12.31 22.10
N LEU A 648 -12.37 -11.93 22.38
CA LEU A 648 -11.47 -12.89 23.02
C LEU A 648 -11.66 -12.87 24.53
N PRO A 649 -11.69 -14.03 25.17
CA PRO A 649 -11.94 -14.08 26.62
C PRO A 649 -10.83 -13.43 27.42
N GLU A 650 -11.21 -12.91 28.59
CA GLU A 650 -10.27 -12.32 29.51
C GLU A 650 -9.24 -13.35 29.98
N VAL A 651 -7.96 -12.97 29.96
CA VAL A 651 -6.87 -13.82 30.45
C VAL A 651 -5.91 -12.94 31.26
N ARG A 652 -5.08 -13.61 32.06
CA ARG A 652 -4.21 -12.92 33.00
C ARG A 652 -2.82 -12.73 32.41
N ASN A 653 -2.04 -11.85 33.04
CA ASN A 653 -0.62 -11.76 32.76
C ASN A 653 0.02 -13.13 32.91
N GLY A 654 0.74 -13.56 31.87
CA GLY A 654 1.36 -14.86 31.90
C GLY A 654 0.47 -16.02 31.50
N ALA A 655 -0.72 -15.74 30.94
CA ALA A 655 -1.61 -16.80 30.50
C ALA A 655 -0.89 -17.78 29.58
N SER A 656 -1.03 -19.08 29.87
CA SER A 656 -0.28 -20.11 29.19
C SER A 656 -1.12 -21.26 28.65
N ALA A 657 -2.43 -21.27 28.89
CA ALA A 657 -3.28 -22.31 28.33
C ALA A 657 -3.37 -22.16 26.81
N LEU A 658 -2.86 -23.16 26.09
CA LEU A 658 -2.79 -23.11 24.63
C LEU A 658 -4.15 -23.34 23.97
N GLU A 659 -5.08 -23.99 24.67
CA GLU A 659 -6.38 -24.34 24.09
C GLU A 659 -7.46 -23.98 25.11
N ILE A 660 -8.29 -23.00 24.79
CA ILE A 660 -9.36 -22.54 25.67
C ILE A 660 -10.63 -22.35 24.85
N SER A 661 -11.72 -22.04 25.55
CA SER A 661 -12.99 -21.72 24.93
C SER A 661 -13.05 -20.25 24.53
N TYR A 662 -13.73 -19.98 23.41
CA TYR A 662 -14.01 -18.60 23.01
C TYR A 662 -15.03 -17.94 23.92
N ASN A 663 -15.90 -18.74 24.56
CA ASN A 663 -16.99 -18.28 25.43
C ASN A 663 -18.10 -17.56 24.69
N GLY A 664 -18.08 -17.53 23.36
CA GLY A 664 -19.16 -16.89 22.64
C GLY A 664 -18.86 -16.78 21.16
N GLU A 665 -19.91 -16.45 20.41
CA GLU A 665 -19.83 -16.30 18.98
C GLU A 665 -19.00 -15.07 18.62
N PRO A 666 -18.48 -15.02 17.38
CA PRO A 666 -17.83 -13.79 16.93
C PRO A 666 -18.80 -12.62 16.95
N GLN A 667 -18.29 -11.44 17.25
CA GLN A 667 -19.13 -10.26 17.42
C GLN A 667 -19.08 -9.30 16.24
N SER A 668 -17.91 -9.12 15.63
CA SER A 668 -17.76 -8.21 14.49
C SER A 668 -17.62 -8.98 13.19
N TRP A 669 -17.82 -8.24 12.09
CA TRP A 669 -17.54 -8.78 10.75
C TRP A 669 -16.11 -9.31 10.65
N PHE A 670 -15.15 -8.54 11.16
CA PHE A 670 -13.74 -8.94 11.11
C PHE A 670 -13.53 -10.26 11.84
N GLN A 671 -14.12 -10.40 13.03
CA GLN A 671 -14.02 -11.65 13.77
C GLN A 671 -14.72 -12.79 13.05
N ARG A 672 -15.86 -12.51 12.40
CA ARG A 672 -16.53 -13.57 11.64
C ARG A 672 -15.64 -14.05 10.49
N GLN A 673 -14.93 -13.13 9.83
CA GLN A 673 -14.04 -13.55 8.75
C GLN A 673 -12.88 -14.38 9.29
N LEU A 674 -12.24 -13.93 10.37
CA LEU A 674 -11.03 -14.60 10.83
C LEU A 674 -11.33 -15.90 11.56
N ARG A 675 -12.50 -16.04 12.18
CA ARG A 675 -12.86 -17.32 12.77
C ARG A 675 -13.22 -18.35 11.70
N GLY A 676 -13.74 -17.90 10.55
CA GLY A 676 -14.04 -18.80 9.46
C GLY A 676 -15.44 -19.37 9.50
N ALA A 677 -15.73 -20.19 8.49
CA ALA A 677 -17.08 -20.73 8.33
C ALA A 677 -17.35 -21.87 9.30
N GLN A 678 -16.45 -22.86 9.33
CA GLN A 678 -16.65 -24.01 10.21
C GLN A 678 -16.53 -23.59 11.68
N TYR A 679 -17.45 -24.09 12.49
CA TYR A 679 -17.41 -23.83 13.93
C TYR A 679 -16.07 -24.29 14.51
N GLN A 680 -15.45 -23.41 15.30
CA GLN A 680 -14.16 -23.71 15.92
C GLN A 680 -14.35 -23.85 17.42
N PRO A 681 -14.40 -25.07 17.96
CA PRO A 681 -14.63 -25.23 19.41
C PRO A 681 -13.51 -24.70 20.27
N ILE A 682 -12.29 -24.51 19.74
CA ILE A 682 -11.12 -24.26 20.56
C ILE A 682 -10.41 -23.01 20.06
N LEU A 683 -10.10 -22.10 20.97
CA LEU A 683 -9.27 -20.93 20.71
C LEU A 683 -7.83 -21.24 21.07
N ARG A 684 -6.92 -21.07 20.12
CA ARG A 684 -5.53 -21.43 20.30
CA ARG A 684 -5.52 -21.42 20.28
C ARG A 684 -4.65 -20.18 20.42
N ASP A 685 -3.59 -20.31 21.23
CA ASP A 685 -2.52 -19.33 21.35
C ASP A 685 -2.98 -17.97 21.87
N HIS A 686 -4.02 -17.97 22.69
CA HIS A 686 -4.39 -16.75 23.45
C HIS A 686 -3.58 -16.73 24.74
N ILE A 687 -2.27 -16.59 24.56
CA ILE A 687 -1.29 -16.64 25.64
C ILE A 687 -0.49 -15.34 25.62
N CYS A 688 -0.03 -14.93 26.80
N CYS A 688 -0.03 -14.91 26.78
CA CYS A 688 0.69 -13.67 26.99
CA CYS A 688 0.74 -13.68 26.85
C CYS A 688 1.99 -13.92 27.76
C CYS A 688 1.94 -13.87 27.77
N LYS A 689 2.95 -13.03 27.54
CA LYS A 689 4.20 -13.12 28.28
C LYS A 689 3.96 -12.88 29.76
N ASP A 690 4.76 -13.59 30.57
CA ASP A 690 4.69 -13.51 32.03
C ASP A 690 5.60 -12.39 32.50
N MET A 691 5.05 -11.18 32.58
CA MET A 691 5.83 -10.02 33.01
C MET A 691 6.12 -10.10 34.51
N SER A 692 7.25 -9.53 34.90
CA SER A 692 7.70 -9.57 36.28
C SER A 692 6.73 -8.82 37.19
N ALA A 693 6.92 -8.99 38.49
CA ALA A 693 6.01 -8.41 39.47
C ALA A 693 5.99 -6.88 39.38
N LEU A 694 7.16 -6.26 39.22
CA LEU A 694 7.20 -4.81 39.11
C LEU A 694 6.48 -4.33 37.85
N VAL A 695 6.74 -4.97 36.71
CA VAL A 695 6.10 -4.58 35.47
C VAL A 695 4.59 -4.82 35.54
N ALA A 696 4.18 -5.96 36.11
CA ALA A 696 2.76 -6.23 36.28
C ALA A 696 2.09 -5.17 37.14
N ALA A 697 2.76 -4.73 38.21
CA ALA A 697 2.19 -3.68 39.05
C ALA A 697 2.04 -2.37 38.29
N ARG A 698 3.00 -2.06 37.42
CA ARG A 698 2.89 -0.87 36.58
C ARG A 698 1.68 -0.96 35.66
N MET A 699 1.50 -2.10 34.99
CA MET A 699 0.39 -2.23 34.05
C MET A 699 -0.94 -2.08 34.76
N ARG A 700 -1.03 -2.58 35.99
CA ARG A 700 -2.27 -2.49 36.76
C ARG A 700 -2.63 -1.05 37.13
N HIS A 701 -1.67 -0.12 37.06
CA HIS A 701 -1.93 1.27 37.41
C HIS A 701 -1.94 2.20 36.20
N ILE A 702 -1.89 1.67 34.99
CA ILE A 702 -2.11 2.50 33.80
C ILE A 702 -3.61 2.65 33.62
N PRO A 703 -4.14 3.87 33.62
CA PRO A 703 -5.59 4.06 33.50
C PRO A 703 -6.13 3.55 32.18
N LEU A 704 -7.44 3.27 32.16
CA LEU A 704 -8.08 2.72 30.99
C LEU A 704 -8.47 3.77 29.95
N ALA A 705 -8.42 5.06 30.30
CA ALA A 705 -8.81 6.09 29.36
C ALA A 705 -7.90 6.11 28.14
N PRO A 706 -8.43 6.43 26.96
CA PRO A 706 -7.62 6.41 25.74
C PRO A 706 -6.42 7.35 25.83
N GLY A 707 -5.28 6.88 25.31
CA GLY A 707 -4.05 7.63 25.37
C GLY A 707 -3.27 7.51 26.66
N SER A 708 -3.69 6.64 27.57
CA SER A 708 -2.97 6.46 28.82
C SER A 708 -1.66 5.72 28.60
N ASP A 709 -0.61 6.18 29.26
CA ASP A 709 0.70 5.53 29.19
C ASP A 709 1.44 5.82 30.50
N TRP A 710 2.76 5.61 30.50
CA TRP A 710 3.53 5.69 31.75
C TRP A 710 3.39 7.05 32.41
N ARG A 711 3.07 8.10 31.64
CA ARG A 711 2.97 9.43 32.22
C ARG A 711 1.74 9.59 33.12
N ASP A 712 0.81 8.63 33.10
CA ASP A 712 -0.34 8.65 34.00
C ASP A 712 -0.12 7.82 35.25
N LEU A 713 1.07 7.26 35.45
CA LEU A 713 1.32 6.41 36.60
C LEU A 713 1.26 7.22 37.90
N PRO A 714 0.64 6.69 38.94
CA PRO A 714 0.71 7.36 40.25
C PRO A 714 2.07 7.16 40.89
N ASN A 715 2.47 8.15 41.69
CA ASN A 715 3.74 8.10 42.40
C ASN A 715 3.47 7.62 43.82
N ILE A 716 3.38 6.29 43.97
CA ILE A 716 3.02 5.67 45.23
C ILE A 716 3.90 4.45 45.47
N GLU A 717 3.91 4.00 46.73
CA GLU A 717 4.43 2.69 47.08
C GLU A 717 3.35 1.64 46.86
N VAL A 718 3.77 0.46 46.40
CA VAL A 718 2.83 -0.65 46.20
C VAL A 718 3.58 -1.95 46.48
N ARG A 719 2.95 -2.82 47.26
CA ARG A 719 3.54 -4.13 47.55
C ARG A 719 3.30 -5.06 46.36
N LEU A 720 4.36 -5.75 45.95
CA LEU A 720 4.31 -6.57 44.75
C LEU A 720 3.86 -7.99 45.09
N SER A 721 3.54 -8.76 44.03
CA SER A 721 3.04 -10.12 44.22
C SER A 721 4.10 -11.07 44.76
N ASP A 722 5.37 -10.69 44.76
CA ASP A 722 6.44 -11.52 45.28
C ASP A 722 6.96 -11.05 46.63
N GLY A 723 6.20 -10.20 47.32
CA GLY A 723 6.58 -9.69 48.62
C GLY A 723 7.44 -8.44 48.58
N THR A 724 8.16 -8.21 47.48
CA THR A 724 9.00 -7.02 47.36
C THR A 724 8.13 -5.77 47.25
N MET A 725 8.80 -4.62 47.16
CA MET A 725 8.12 -3.33 47.19
C MET A 725 8.52 -2.51 45.98
N ALA A 726 7.61 -1.65 45.54
CA ALA A 726 7.88 -0.62 44.56
C ALA A 726 7.87 0.73 45.26
N ARG A 727 8.84 1.58 44.90
CA ARG A 727 9.15 2.77 45.67
C ARG A 727 8.63 4.03 45.00
N LYS A 728 8.44 5.07 45.81
N LYS A 728 8.42 5.06 45.81
CA LYS A 728 8.11 6.39 45.27
CA LYS A 728 8.11 6.39 45.28
C LYS A 728 9.29 6.98 44.52
C LYS A 728 9.29 6.93 44.49
N LEU A 729 8.99 7.64 43.41
CA LEU A 729 10.03 8.35 42.66
C LEU A 729 10.26 9.70 43.31
N ARG A 730 11.52 10.01 43.59
CA ARG A 730 11.89 11.25 44.24
C ARG A 730 12.58 12.18 43.25
N TYR A 731 12.20 13.45 43.29
CA TYR A 731 12.69 14.45 42.35
C TYR A 731 13.80 15.26 43.03
N THR A 732 15.03 15.06 42.56
CA THR A 732 16.23 15.46 43.28
C THR A 732 16.98 16.62 42.64
N HIS A 733 16.59 17.06 41.44
CA HIS A 733 17.30 18.12 40.76
C HIS A 733 16.30 19.03 40.07
N HIS A 734 16.72 20.27 39.84
CA HIS A 734 15.86 21.27 39.22
C HIS A 734 16.02 21.21 37.70
N ASP A 735 14.92 20.92 37.00
CA ASP A 735 14.89 20.95 35.55
C ASP A 735 14.38 22.33 35.13
N ARG A 736 15.30 23.23 34.78
CA ARG A 736 14.90 24.57 34.40
C ARG A 736 14.04 24.57 33.14
N LYS A 737 14.31 23.64 32.22
CA LYS A 737 13.47 23.52 31.02
C LYS A 737 12.05 23.10 31.39
N ASN A 738 11.89 22.17 32.32
CA ASN A 738 10.57 21.64 32.65
C ASN A 738 9.89 22.38 33.79
N GLY A 739 10.65 23.10 34.61
CA GLY A 739 10.06 23.86 35.70
C GLY A 739 9.78 23.00 36.92
N ARG A 740 8.82 23.46 37.72
CA ARG A 740 8.46 22.83 38.97
C ARG A 740 6.96 22.54 38.97
N SER A 741 6.55 21.68 39.91
CA SER A 741 5.15 21.34 40.02
C SER A 741 4.37 22.48 40.68
N SER A 742 3.05 22.32 40.74
CA SER A 742 2.20 23.34 41.34
C SER A 742 2.45 23.51 42.82
N SER A 743 2.99 22.49 43.50
CA SER A 743 3.34 22.58 44.90
C SER A 743 4.82 22.91 45.12
N GLY A 744 5.53 23.30 44.07
CA GLY A 744 6.92 23.66 44.19
C GLY A 744 7.90 22.51 44.16
N ALA A 745 7.46 21.30 43.83
CA ALA A 745 8.36 20.17 43.75
C ALA A 745 9.22 20.24 42.48
N LEU A 746 10.40 19.64 42.57
CA LEU A 746 11.30 19.59 41.43
C LEU A 746 10.79 18.58 40.39
N ARG A 747 11.41 18.58 39.21
CA ARG A 747 11.02 17.68 38.15
C ARG A 747 12.19 16.93 37.52
N GLY A 748 13.42 17.15 37.98
CA GLY A 748 14.57 16.39 37.53
C GLY A 748 14.89 15.27 38.49
N VAL A 749 15.37 14.15 37.94
CA VAL A 749 15.73 12.98 38.73
C VAL A 749 17.21 12.66 38.62
N CYS A 750 17.99 13.54 38.00
CA CYS A 750 19.42 13.31 37.86
C CYS A 750 20.12 14.65 37.65
N SER A 751 21.42 14.66 37.96
CA SER A 751 22.21 15.87 37.77
C SER A 751 22.39 16.23 36.31
N CYS A 752 22.22 15.26 35.39
CA CYS A 752 22.41 15.51 33.97
C CYS A 752 21.35 16.44 33.39
N VAL A 753 20.28 16.75 34.13
CA VAL A 753 19.32 17.74 33.66
C VAL A 753 19.91 19.13 33.62
N GLU A 754 21.05 19.36 34.27
CA GLU A 754 21.81 20.58 34.07
C GLU A 754 22.52 20.55 32.71
N ALA A 755 23.10 21.68 32.34
CA ALA A 755 23.66 21.85 31.00
C ALA A 755 24.80 20.88 30.71
N GLY A 756 25.90 21.01 31.43
CA GLY A 756 27.08 20.22 31.14
C GLY A 756 27.36 19.11 32.12
N LYS A 757 26.60 19.05 33.22
CA LYS A 757 26.84 18.04 34.24
C LYS A 757 26.52 16.65 33.71
N ALA A 758 27.32 15.68 34.13
CA ALA A 758 27.13 14.30 33.72
C ALA A 758 26.25 13.56 34.72
N CYS A 759 25.81 12.36 34.31
CA CYS A 759 24.98 11.53 35.17
C CYS A 759 25.74 11.14 36.44
N ASP A 760 25.30 11.64 37.59
CA ASP A 760 25.87 11.19 38.86
C ASP A 760 25.33 9.81 39.19
N PRO A 761 26.18 8.78 39.32
CA PRO A 761 25.68 7.42 39.53
C PRO A 761 24.87 7.25 40.81
N ALA A 762 25.06 8.11 41.79
CA ALA A 762 24.27 8.05 43.02
C ALA A 762 22.86 8.58 42.85
N ALA A 763 22.54 9.20 41.71
CA ALA A 763 21.22 9.74 41.46
C ALA A 763 20.27 8.72 40.84
N ARG A 764 20.74 7.53 40.50
CA ARG A 764 19.89 6.50 39.93
C ARG A 764 19.04 5.87 41.03
N GLN A 765 17.72 5.83 40.80
CA GLN A 765 16.78 5.25 41.73
C GLN A 765 16.24 3.94 41.17
N PHE A 766 16.05 2.96 42.04
CA PHE A 766 15.69 1.60 41.64
C PHE A 766 14.29 1.24 42.10
N ASN A 767 13.66 0.35 41.34
CA ASN A 767 12.40 -0.30 41.72
C ASN A 767 11.28 0.72 42.00
N THR A 768 11.27 1.81 41.26
CA THR A 768 10.19 2.79 41.36
C THR A 768 9.06 2.41 40.42
N LEU A 769 7.82 2.66 40.86
CA LEU A 769 6.67 2.38 40.01
C LEU A 769 6.74 3.21 38.73
N ILE A 770 7.00 4.51 38.86
CA ILE A 770 7.35 5.33 37.71
C ILE A 770 8.78 4.96 37.37
N PRO A 771 9.05 4.37 36.20
CA PRO A 771 10.42 3.93 35.90
C PRO A 771 11.36 5.12 35.84
N TRP A 772 12.52 4.98 36.48
CA TRP A 772 13.43 6.11 36.63
C TRP A 772 13.96 6.58 35.27
N CYS A 773 14.26 5.65 34.38
CA CYS A 773 14.93 6.00 33.12
C CYS A 773 14.04 6.81 32.18
N LEU A 774 12.72 6.86 32.41
CA LEU A 774 11.87 7.59 31.47
C LEU A 774 11.89 9.10 31.75
N PRO A 775 11.71 9.56 32.98
CA PRO A 775 11.98 11.00 33.25
C PRO A 775 13.46 11.35 33.08
N HIS A 776 14.35 10.36 33.15
CA HIS A 776 15.78 10.62 33.05
C HIS A 776 16.13 11.21 31.69
N THR A 777 15.70 10.56 30.61
CA THR A 777 16.05 10.95 29.25
C THR A 777 14.84 11.36 28.42
N GLY A 778 13.70 11.60 29.07
CA GLY A 778 12.47 11.86 28.33
C GLY A 778 12.49 13.18 27.57
N ASN A 779 13.26 14.16 28.03
CA ASN A 779 13.30 15.46 27.38
C ASN A 779 13.85 15.38 25.96
N ARG A 780 14.62 14.34 25.63
CA ARG A 780 15.18 14.19 24.29
C ARG A 780 14.63 12.97 23.57
N HIS A 781 13.54 12.39 24.06
CA HIS A 781 12.89 11.28 23.37
C HIS A 781 11.39 11.49 23.28
N ASN A 782 10.96 12.75 23.16
CA ASN A 782 9.54 13.10 23.06
C ASN A 782 8.74 12.51 24.22
N HIS A 783 9.34 12.56 25.42
CA HIS A 783 8.73 12.13 26.67
C HIS A 783 8.34 10.66 26.68
N TRP A 784 8.98 9.87 25.81
CA TRP A 784 8.72 8.43 25.70
C TRP A 784 7.22 8.16 25.58
N ALA A 785 6.57 8.87 24.66
CA ALA A 785 5.15 8.69 24.44
C ALA A 785 4.85 7.26 24.01
N GLY A 786 3.82 6.67 24.61
CA GLY A 786 3.39 5.34 24.26
C GLY A 786 4.00 4.23 25.09
N LEU A 787 5.06 4.49 25.85
CA LEU A 787 5.64 3.45 26.69
C LEU A 787 4.69 3.12 27.84
N TYR A 788 4.50 1.83 28.09
CA TYR A 788 3.43 1.35 28.97
C TYR A 788 2.08 1.92 28.53
N GLY A 789 1.91 2.01 27.21
CA GLY A 789 0.70 2.59 26.66
C GLY A 789 -0.35 1.51 26.42
N ARG A 790 -1.60 1.89 26.66
CA ARG A 790 -2.74 1.01 26.39
C ARG A 790 -3.25 1.24 24.97
N LEU A 791 -3.57 0.16 24.29
CA LEU A 791 -4.33 0.26 23.06
C LEU A 791 -5.70 0.86 23.34
N GLU A 792 -6.28 1.47 22.31
CA GLU A 792 -7.58 2.11 22.40
C GLU A 792 -8.59 1.29 21.61
N TRP A 793 -9.76 1.02 22.20
CA TRP A 793 -10.76 0.21 21.51
C TRP A 793 -11.12 0.80 20.15
N ASP A 794 -11.27 2.12 20.07
CA ASP A 794 -11.64 2.77 18.82
C ASP A 794 -10.45 3.02 17.90
N GLY A 795 -9.24 2.68 18.32
CA GLY A 795 -8.04 3.01 17.59
C GLY A 795 -7.46 1.81 16.86
N PHE A 796 -6.16 1.87 16.62
CA PHE A 796 -5.46 0.81 15.89
C PHE A 796 -4.15 0.47 16.60
N PHE A 797 -3.62 -0.70 16.25
CA PHE A 797 -2.31 -1.12 16.73
C PHE A 797 -1.20 -0.29 16.08
N SER A 798 -0.18 0.01 16.86
CA SER A 798 1.08 0.36 16.23
C SER A 798 1.65 -0.89 15.56
N THR A 799 2.69 -0.71 14.75
CA THR A 799 3.24 -1.81 13.98
C THR A 799 3.50 -3.01 14.87
N THR A 800 2.90 -4.15 14.52
CA THR A 800 3.01 -5.35 15.34
C THR A 800 4.45 -5.85 15.35
N VAL A 801 5.05 -5.87 16.52
CA VAL A 801 6.48 -6.15 16.64
C VAL A 801 6.68 -7.61 17.01
N THR A 802 7.93 -8.06 16.94
CA THR A 802 8.24 -9.46 17.18
C THR A 802 8.28 -9.82 18.65
N ASN A 803 8.34 -8.85 19.56
CA ASN A 803 8.44 -9.11 20.99
C ASN A 803 7.89 -7.93 21.76
N PRO A 804 6.62 -8.00 22.16
CA PRO A 804 5.99 -6.85 22.84
C PRO A 804 6.63 -6.57 24.19
N GLU A 805 7.26 -5.39 24.29
CA GLU A 805 7.92 -4.95 25.51
C GLU A 805 7.38 -3.58 25.87
N PRO A 806 6.79 -3.41 27.07
CA PRO A 806 6.21 -2.11 27.42
C PRO A 806 7.20 -0.96 27.49
N MET A 807 8.48 -1.22 27.77
CA MET A 807 9.47 -0.15 27.87
C MET A 807 10.41 -0.11 26.67
N GLY A 808 10.08 -0.81 25.59
CA GLY A 808 10.84 -0.72 24.36
C GLY A 808 10.36 0.44 23.51
N LYS A 809 10.89 0.50 22.28
CA LYS A 809 10.52 1.58 21.37
C LYS A 809 9.02 1.58 21.08
N GLN A 810 8.50 0.42 20.66
CA GLN A 810 7.07 0.28 20.40
C GLN A 810 6.38 -0.23 21.67
N GLY A 811 6.26 0.68 22.63
CA GLY A 811 5.80 0.32 23.97
C GLY A 811 4.30 0.28 24.16
N ARG A 812 3.51 0.63 23.15
CA ARG A 812 2.06 0.68 23.30
C ARG A 812 1.47 -0.71 23.07
N VAL A 813 1.71 -1.59 24.05
CA VAL A 813 1.39 -3.00 23.88
C VAL A 813 0.49 -3.52 24.99
N LEU A 814 -0.05 -2.63 25.81
CA LEU A 814 -0.97 -3.06 26.86
C LEU A 814 -2.38 -3.21 26.30
N HIS A 815 -3.10 -4.19 26.84
CA HIS A 815 -4.48 -4.40 26.47
C HIS A 815 -5.31 -3.17 26.84
N PRO A 816 -6.40 -2.90 26.11
CA PRO A 816 -7.22 -1.71 26.43
C PRO A 816 -7.80 -1.71 27.83
N GLU A 817 -8.08 -2.88 28.41
CA GLU A 817 -8.67 -2.95 29.75
C GLU A 817 -7.95 -3.91 30.69
N GLN A 818 -7.46 -5.03 30.19
CA GLN A 818 -6.81 -6.01 31.04
C GLN A 818 -5.37 -5.61 31.35
N HIS A 819 -4.88 -6.03 32.51
CA HIS A 819 -3.58 -5.57 33.02
C HIS A 819 -2.48 -6.51 32.54
N ARG A 820 -2.19 -6.43 31.24
CA ARG A 820 -1.31 -7.39 30.60
C ARG A 820 -0.91 -6.84 29.24
N VAL A 821 0.13 -7.45 28.66
CA VAL A 821 0.47 -7.17 27.28
C VAL A 821 -0.43 -8.00 26.36
N VAL A 822 -0.56 -7.54 25.11
CA VAL A 822 -1.36 -8.27 24.14
C VAL A 822 -0.86 -9.70 23.98
N SER A 823 -1.79 -10.61 23.72
CA SER A 823 -1.49 -12.02 23.54
C SER A 823 -0.99 -12.30 22.12
N VAL A 824 -0.49 -13.52 21.93
CA VAL A 824 -0.09 -13.97 20.60
C VAL A 824 -1.28 -13.93 19.64
N ARG A 825 -2.44 -14.42 20.09
CA ARG A 825 -3.63 -14.42 19.25
C ARG A 825 -4.04 -13.02 18.86
N GLU A 826 -3.99 -12.06 19.80
CA GLU A 826 -4.33 -10.68 19.49
C GLU A 826 -3.36 -10.09 18.47
N CYS A 827 -2.06 -10.39 18.60
CA CYS A 827 -1.10 -9.93 17.59
C CYS A 827 -1.40 -10.54 16.24
N ALA A 828 -1.76 -11.82 16.20
CA ALA A 828 -2.14 -12.46 14.95
C ALA A 828 -3.38 -11.79 14.36
N ARG A 829 -4.35 -11.43 15.19
CA ARG A 829 -5.53 -10.73 14.70
C ARG A 829 -5.16 -9.37 14.11
N SER A 830 -4.22 -8.67 14.75
CA SER A 830 -3.79 -7.36 14.24
C SER A 830 -3.12 -7.48 12.88
N GLN A 831 -2.57 -8.65 12.56
CA GLN A 831 -1.97 -8.94 11.26
C GLN A 831 -2.98 -9.54 10.28
N GLY A 832 -4.22 -9.76 10.69
CA GLY A 832 -5.18 -10.37 9.78
C GLY A 832 -4.99 -11.86 9.54
N PHE A 833 -4.34 -12.58 10.46
CA PHE A 833 -4.23 -14.03 10.33
C PHE A 833 -5.56 -14.70 10.70
N PRO A 834 -6.00 -15.68 9.92
CA PRO A 834 -7.13 -16.51 10.36
C PRO A 834 -6.80 -17.20 11.68
N ASP A 835 -7.83 -17.39 12.51
CA ASP A 835 -7.63 -18.07 13.79
C ASP A 835 -7.13 -19.48 13.63
N THR A 836 -7.38 -20.12 12.48
CA THR A 836 -6.90 -21.48 12.24
C THR A 836 -5.45 -21.54 11.78
N TYR A 837 -4.81 -20.40 11.51
CA TYR A 837 -3.43 -20.43 11.02
C TYR A 837 -2.49 -20.87 12.14
N ARG A 838 -1.75 -21.95 11.89
CA ARG A 838 -0.92 -22.57 12.93
C ARG A 838 0.41 -21.86 13.11
N LEU A 839 0.83 -21.73 14.36
CA LEU A 839 2.13 -21.20 14.76
C LEU A 839 2.90 -22.30 15.48
N PHE A 840 4.19 -22.07 15.71
CA PHE A 840 5.05 -23.13 16.24
C PHE A 840 6.09 -22.58 17.20
N GLY A 841 6.31 -23.30 18.29
CA GLY A 841 7.39 -23.01 19.22
C GLY A 841 6.86 -22.45 20.53
N ASN A 842 7.78 -21.88 21.30
CA ASN A 842 7.40 -21.24 22.55
C ASN A 842 6.73 -19.90 22.25
N ILE A 843 6.37 -19.18 23.31
CA ILE A 843 5.58 -17.97 23.10
C ILE A 843 6.39 -16.90 22.36
N LEU A 844 7.69 -16.81 22.64
CA LEU A 844 8.51 -15.82 21.95
C LEU A 844 8.69 -16.16 20.48
N ASP A 845 8.81 -17.46 20.14
CA ASP A 845 8.86 -17.85 18.74
C ASP A 845 7.57 -17.48 18.02
N LYS A 846 6.42 -17.70 18.69
CA LYS A 846 5.14 -17.37 18.06
C LYS A 846 4.97 -15.87 17.86
N HIS A 847 5.39 -15.06 18.84
CA HIS A 847 5.33 -13.60 18.65
C HIS A 847 6.18 -13.18 17.46
N ARG A 848 7.38 -13.74 17.35
CA ARG A 848 8.28 -13.38 16.25
C ARG A 848 7.71 -13.78 14.90
N GLN A 849 7.15 -14.98 14.79
CA GLN A 849 6.54 -15.40 13.53
C GLN A 849 5.42 -14.45 13.12
N VAL A 850 4.61 -14.03 14.09
CA VAL A 850 3.50 -13.14 13.78
C VAL A 850 4.02 -11.76 13.37
N GLY A 851 4.98 -11.23 14.13
CA GLY A 851 5.44 -9.86 13.90
C GLY A 851 6.24 -9.69 12.61
N ASN A 852 6.91 -10.75 12.16
CA ASN A 852 7.70 -10.71 10.94
C ASN A 852 6.87 -10.86 9.66
N ALA A 853 5.61 -11.23 9.78
CA ALA A 853 4.84 -11.62 8.61
C ALA A 853 4.32 -10.41 7.83
N VAL A 854 4.14 -10.61 6.53
CA VAL A 854 3.24 -9.74 5.77
C VAL A 854 1.80 -10.05 6.15
N PRO A 855 0.99 -9.06 6.50
CA PRO A 855 -0.43 -9.33 6.79
C PRO A 855 -1.14 -9.91 5.59
N PRO A 856 -1.84 -11.04 5.75
CA PRO A 856 -2.52 -11.69 4.62
C PRO A 856 -3.49 -10.77 3.88
N PRO A 857 -4.23 -9.88 4.57
CA PRO A 857 -5.10 -8.98 3.80
C PRO A 857 -4.35 -8.08 2.83
N LEU A 858 -3.13 -7.65 3.18
CA LEU A 858 -2.34 -6.86 2.24
C LEU A 858 -1.84 -7.72 1.08
N ALA A 859 -1.32 -8.91 1.39
CA ALA A 859 -0.88 -9.83 0.34
C ALA A 859 -2.04 -10.20 -0.58
N LYS A 860 -3.24 -10.39 -0.03
CA LYS A 860 -4.40 -10.73 -0.85
C LYS A 860 -4.74 -9.60 -1.83
N ALA A 861 -4.73 -8.35 -1.36
CA ALA A 861 -5.05 -7.23 -2.25
C ALA A 861 -4.04 -7.14 -3.40
N ILE A 862 -2.76 -7.31 -3.10
CA ILE A 862 -1.74 -7.36 -4.14
C ILE A 862 -2.00 -8.53 -5.08
N GLY A 863 -2.33 -9.69 -4.51
CA GLY A 863 -2.57 -10.87 -5.33
C GLY A 863 -3.71 -10.69 -6.31
N LEU A 864 -4.77 -9.99 -5.90
CA LEU A 864 -5.88 -9.76 -6.80
C LEU A 864 -5.50 -8.86 -7.97
N GLU A 865 -4.56 -7.92 -7.77
CA GLU A 865 -4.04 -7.15 -8.90
C GLU A 865 -3.28 -8.04 -9.88
N ILE A 866 -2.51 -9.00 -9.35
CA ILE A 866 -1.83 -9.95 -10.22
C ILE A 866 -2.85 -10.80 -10.97
N LYS A 867 -3.95 -11.18 -10.31
CA LYS A 867 -4.96 -12.00 -10.96
C LYS A 867 -5.56 -11.26 -12.16
N LEU A 868 -5.76 -9.95 -12.05
CA LEU A 868 -6.28 -9.17 -13.18
C LEU A 868 -5.36 -9.30 -14.38
N CYS A 869 -4.04 -9.30 -14.15
CA CYS A 869 -3.08 -9.44 -15.24
C CYS A 869 -3.10 -10.84 -15.83
N MET A 870 -3.30 -11.87 -14.99
CA MET A 870 -3.40 -13.22 -15.52
C MET A 870 -4.59 -13.35 -16.47
N LEU A 871 -5.72 -12.74 -16.11
CA LEU A 871 -6.93 -12.87 -16.92
C LEU A 871 -6.89 -12.00 -18.17
N ALA A 872 -6.12 -10.91 -18.15
CA ALA A 872 -6.05 -9.98 -19.27
C ALA A 872 -4.89 -10.25 -20.23
N LYS A 873 -4.15 -11.34 -20.02
CA LYS A 873 -3.01 -11.63 -20.89
C LYS A 873 -3.47 -11.89 -22.32
N ALA A 874 -2.77 -11.29 -23.28
CA ALA A 874 -3.09 -11.46 -24.69
C ALA A 874 -2.76 -12.88 -25.16
N1 5CM B 6 17.34 3.70 25.73
C2 5CM B 6 17.15 2.51 24.89
N3 5CM B 6 16.01 1.72 24.90
C4 5CM B 6 15.01 2.11 25.77
C5 5CM B 6 15.12 3.26 26.60
C5A 5CM B 6 14.00 3.66 27.54
C6 5CM B 6 16.27 4.03 26.57
O2 5CM B 6 18.03 2.21 24.17
N4 5CM B 6 13.89 1.38 25.83
C1' 5CM B 6 18.56 4.56 25.69
C2' 5CM B 6 18.27 6.02 25.98
C3' 5CM B 6 19.70 6.51 26.22
C4' 5CM B 6 20.47 5.32 26.80
O4' 5CM B 6 19.57 4.19 26.62
O3' 5CM B 6 20.27 6.86 24.96
C5' 5CM B 6 20.80 5.53 28.25
O5' 5CM B 6 19.71 6.10 28.93
P 5CM B 6 19.66 5.87 30.58
OP1 5CM B 6 20.81 6.54 31.23
OP2 5CM B 6 18.32 6.33 31.19
P PYO C 6 11.27 0.78 10.40
OP1 PYO C 6 12.15 0.29 9.28
OP2 PYO C 6 9.83 0.33 10.49
O5' PYO C 6 11.99 0.40 11.77
C5' PYO C 6 12.70 -0.81 11.89
C4' PYO C 6 14.15 -0.57 12.21
O4' PYO C 6 14.39 0.85 12.37
C3' PYO C 6 14.66 -1.15 13.52
C1' PYO C 6 15.47 1.06 13.25
O3' PYO C 6 14.92 -2.54 13.45
C2' PYO C 6 15.90 -0.30 13.80
O2' PYO C 6 17.00 -0.77 13.03
N1 PYO C 6 15.04 1.99 14.33
C6 PYO C 6 13.82 1.89 14.87
C2 PYO C 6 15.97 3.02 14.83
C5 PYO C 6 13.45 2.76 15.88
O2 PYO C 6 17.06 3.10 14.36
N3 PYO C 6 15.61 3.88 15.84
C4 PYO C 6 14.35 3.71 16.31
ZN ZN D . 21.63 11.34 34.37
ZN ZN E . 3.18 13.64 -30.99
C1 EDO F . -9.52 -9.72 6.78
O1 EDO F . -10.74 -10.46 6.67
C2 EDO F . -9.65 -8.40 6.01
O2 EDO F . -10.19 -7.37 6.84
C1 EDO G . 19.95 -1.58 -17.21
O1 EDO G . 19.50 -2.09 -18.48
C2 EDO G . 19.28 -0.24 -16.92
O2 EDO G . 19.60 0.71 -17.96
C1 EDO H . 20.79 -3.94 -21.36
O1 EDO H . 21.51 -3.15 -20.40
C2 EDO H . 19.40 -4.28 -20.83
O2 EDO H . 18.85 -5.38 -21.55
C1 EDO I . -26.11 -4.64 13.94
O1 EDO I . -26.07 -3.42 13.20
C2 EDO I . -26.48 -4.36 15.39
O2 EDO I . -26.49 -5.59 16.13
C1 EDO J . -14.58 0.59 -9.12
O1 EDO J . -15.11 1.39 -8.06
C2 EDO J . -15.37 0.85 -10.41
O2 EDO J . -15.19 2.21 -10.81
C1 EDO K . 2.74 -18.66 27.67
O1 EDO K . 3.72 -19.70 27.57
C2 EDO K . 2.88 -17.92 28.99
O2 EDO K . 4.00 -17.03 28.97
C1 EDO L . 8.84 -19.86 -17.00
O1 EDO L . 10.25 -19.74 -16.89
C2 EDO L . 8.20 -19.23 -15.78
O2 EDO L . 6.78 -19.18 -15.96
C1 GOL M . -7.96 6.48 2.14
O1 GOL M . -7.97 5.20 2.74
C2 GOL M . -8.00 7.57 3.29
O2 GOL M . -8.49 7.09 4.47
C3 GOL M . -6.54 8.11 3.45
O3 GOL M . -6.51 8.81 4.67
C01 C79 N . 14.14 4.37 20.83
C02 C79 N . 14.80 3.04 21.20
C03 C79 N . 16.18 2.83 20.53
C04 C79 N . 17.31 3.48 21.00
C05 C79 N . 17.19 4.36 22.13
C07 C79 N . 18.55 3.25 20.35
C09 C79 N . 20.90 3.76 19.90
C10 C79 N . 21.81 2.58 20.23
C11 C79 N . 22.26 2.58 21.67
C12 C79 N . 21.07 2.78 22.58
C13 C79 N . 20.15 3.91 22.15
C16 C79 N . 17.59 1.83 18.88
C18 C79 N . 19.53 0.80 17.08
C19 C79 N . 19.83 0.09 15.76
C20 C79 N . 20.02 0.82 14.58
C21 C79 N . 20.30 0.18 13.38
C22 C79 N . 20.43 -1.21 13.36
C23 C79 N . 20.75 -1.92 12.04
C27 C79 N . 20.25 -1.95 14.52
C28 C79 N . 19.96 -1.29 15.71
C29 C79 N . 20.34 0.14 18.19
C32 C79 N . 16.32 1.99 19.45
C33 C79 N . 15.17 1.30 18.92
F24 C79 N . 20.50 -1.09 10.99
F25 C79 N . 22.07 -2.28 12.04
F26 C79 N . 19.98 -3.05 11.94
N06 C79 N . 17.09 5.05 23.01
N08 C79 N . 19.72 3.85 20.76
N14 C79 N . 23.19 3.68 21.87
N15 C79 N . 18.69 2.44 19.31
N30 C79 N . 19.66 -0.59 19.05
N34 C79 N . 14.28 0.75 18.51
O31 C79 N . 21.57 0.27 18.27
S17 C79 N . 17.76 0.76 17.50
#